data_5SAC
#
_entry.id   5SAC
#
_cell.length_a   149.966
_cell.length_b   149.966
_cell.length_c   111.790
_cell.angle_alpha   90.000
_cell.angle_beta   90.000
_cell.angle_gamma   120.000
#
_symmetry.space_group_name_H-M   'P 63'
#
loop_
_entity.id
_entity.type
_entity.pdbx_description
1 polymer 'Uridylate-specific endoribonuclease'
2 non-polymer 'CITRIC ACID'
3 non-polymer N-hydroxyquinoline-2-carboxamide
4 water water
#
_entity_poly.entity_id   1
_entity_poly.type   'polypeptide(L)'
_entity_poly.pdbx_seq_one_letter_code
;GAMSLENVAFNVVNKGHFDGQQGEVPVSIINNTVYTKVDGVDVELFENKTTLPVNVAFELWAKRNIKPVPEVKILNNLGV
DIAANTVIWDYKRDAPAHISTIGVCSMTDIAKKPTETICAPLTVFFDGRVDGQVDLFRNARNGVLITEGSVKGLQPSVGP
KQASLNGVTLIGEAVKTQFNYYKKVDGVVQQLPETYFTQSRNLQEFKPRSQMEIDFLELAMDEFIERYKLEGYAFEHIVY
GDFSHSQLGGLHLLIGLAKRFKESPFELEDFIPMDSTVKNYFITDAQTGSSKCVCSVIDLLLDDFVEIIKSQDLSVVSKV
VKVTIDYTEISFMLWCKDGHVETFYPKLQ
;
_entity_poly.pdbx_strand_id   A,B
#
loop_
_chem_comp.id
_chem_comp.type
_chem_comp.name
_chem_comp.formula
CIT non-polymer 'CITRIC ACID' 'C6 H8 O7'
VWG non-polymer N-hydroxyquinoline-2-carboxamide 'C10 H8 N2 O2'
#
# COMPACT_ATOMS: atom_id res chain seq x y z
N ALA A 2 32.62 15.96 -0.28
CA ALA A 2 33.53 16.96 -0.82
C ALA A 2 32.77 18.15 -1.41
N MET A 3 31.76 18.61 -0.65
CA MET A 3 30.87 19.71 -1.00
C MET A 3 31.57 21.08 -1.13
N SER A 4 31.24 21.81 -2.19
CA SER A 4 31.77 23.13 -2.44
C SER A 4 30.87 23.91 -3.36
N LEU A 5 30.98 25.24 -3.30
CA LEU A 5 30.24 26.15 -4.16
C LEU A 5 30.59 25.87 -5.64
N GLU A 6 31.88 25.72 -5.94
CA GLU A 6 32.39 25.47 -7.28
C GLU A 6 31.96 24.12 -7.83
N ASN A 7 31.83 23.11 -6.95
CA ASN A 7 31.35 21.80 -7.32
C ASN A 7 29.84 21.83 -7.59
N VAL A 8 29.05 22.57 -6.79
CA VAL A 8 27.61 22.72 -7.01
C VAL A 8 27.41 23.39 -8.37
N ALA A 9 28.15 24.48 -8.63
CA ALA A 9 28.11 25.21 -9.90
C ALA A 9 28.52 24.34 -11.08
N PHE A 10 29.52 23.47 -10.91
CA PHE A 10 29.94 22.52 -11.94
C PHE A 10 28.77 21.60 -12.33
N ASN A 11 28.10 21.05 -11.31
CA ASN A 11 26.95 20.19 -11.52
C ASN A 11 25.82 20.94 -12.22
N VAL A 12 25.54 22.19 -11.81
CA VAL A 12 24.48 22.97 -12.44
C VAL A 12 24.79 23.20 -13.93
N VAL A 13 26.02 23.65 -14.24
CA VAL A 13 26.45 23.89 -15.61
C VAL A 13 26.43 22.62 -16.48
N ASN A 14 26.91 21.49 -15.95
CA ASN A 14 27.03 20.26 -16.73
C ASN A 14 25.87 19.28 -16.68
N LYS A 15 25.13 19.23 -15.57
CA LYS A 15 24.04 18.27 -15.35
C LYS A 15 22.65 18.90 -15.22
N GLY A 16 22.57 20.23 -15.20
CA GLY A 16 21.29 20.93 -15.06
C GLY A 16 20.77 21.03 -13.63
N HIS A 17 21.50 20.46 -12.67
CA HIS A 17 21.17 20.37 -11.26
C HIS A 17 22.30 19.59 -10.53
N PHE A 18 22.24 19.49 -9.19
CA PHE A 18 23.24 18.75 -8.46
C PHE A 18 23.03 17.27 -8.73
N ASP A 19 24.08 16.61 -9.22
CA ASP A 19 24.04 15.22 -9.60
C ASP A 19 25.23 14.40 -9.01
N GLY A 20 25.89 14.93 -7.99
CA GLY A 20 27.01 14.27 -7.32
C GLY A 20 28.26 14.09 -8.16
N GLN A 21 28.38 14.83 -9.26
CA GLN A 21 29.53 14.73 -10.14
C GLN A 21 30.73 15.47 -9.60
N GLN A 22 31.92 15.01 -9.93
CA GLN A 22 33.15 15.67 -9.51
C GLN A 22 33.49 16.76 -10.51
N GLY A 23 34.05 17.85 -10.02
CA GLY A 23 34.43 18.95 -10.89
C GLY A 23 34.17 20.31 -10.28
N GLU A 24 34.83 21.34 -10.81
CA GLU A 24 34.68 22.70 -10.30
C GLU A 24 34.64 23.67 -11.44
N VAL A 25 33.76 24.67 -11.38
CA VAL A 25 33.73 25.77 -12.34
C VAL A 25 33.96 27.07 -11.56
N PRO A 26 34.65 28.07 -12.15
CA PRO A 26 34.85 29.32 -11.41
C PRO A 26 33.54 30.07 -11.22
N VAL A 27 33.34 30.57 -10.01
CA VAL A 27 32.10 31.25 -9.65
C VAL A 27 32.38 32.62 -9.09
N SER A 28 31.46 33.55 -9.34
CA SER A 28 31.52 34.84 -8.70
C SER A 28 30.16 35.15 -8.07
N ILE A 29 30.21 35.63 -6.83
CA ILE A 29 28.99 35.98 -6.12
C ILE A 29 28.88 37.50 -5.99
N ILE A 30 27.82 38.07 -6.55
CA ILE A 30 27.61 39.51 -6.49
C ILE A 30 26.15 39.75 -6.26
N ASN A 31 25.73 40.74 -5.45
N ASN A 31 26.04 40.24 -5.02
CA ASN A 31 24.28 41.09 -5.25
CA ASN A 31 24.92 40.54 -4.16
C ASN A 31 23.20 39.96 -5.47
C ASN A 31 24.25 39.21 -3.87
N ASN A 32 23.17 38.98 -4.55
CA ASN A 32 22.32 37.80 -4.46
C ASN A 32 22.30 36.97 -5.71
N THR A 33 23.34 37.05 -6.53
CA THR A 33 23.39 36.31 -7.77
C THR A 33 24.67 35.50 -7.85
N VAL A 34 24.56 34.30 -8.38
CA VAL A 34 25.70 33.44 -8.62
C VAL A 34 25.98 33.47 -10.10
N TYR A 35 27.21 33.79 -10.49
CA TYR A 35 27.62 33.79 -11.88
C TYR A 35 28.72 32.77 -12.09
N THR A 36 28.94 32.41 -13.36
CA THR A 36 30.06 31.59 -13.78
C THR A 36 30.64 32.20 -15.06
N LYS A 37 31.96 32.08 -15.26
CA LYS A 37 32.59 32.63 -16.46
C LYS A 37 32.39 31.69 -17.65
N VAL A 38 31.85 32.22 -18.76
CA VAL A 38 31.68 31.51 -20.03
C VAL A 38 32.12 32.47 -21.14
N ASP A 39 33.10 32.07 -21.96
CA ASP A 39 33.63 32.91 -23.05
C ASP A 39 34.15 34.25 -22.51
N GLY A 40 34.75 34.22 -21.33
CA GLY A 40 35.32 35.39 -20.67
C GLY A 40 34.34 36.33 -19.99
N VAL A 41 33.02 36.05 -20.08
CA VAL A 41 32.03 36.91 -19.44
C VAL A 41 31.18 36.15 -18.42
N ASP A 42 30.60 36.88 -17.47
CA ASP A 42 29.80 36.28 -16.42
C ASP A 42 28.41 35.94 -16.90
N VAL A 43 27.97 34.73 -16.62
CA VAL A 43 26.66 34.25 -16.98
C VAL A 43 25.97 33.89 -15.69
N GLU A 44 24.79 34.43 -15.49
CA GLU A 44 23.99 34.18 -14.31
C GLU A 44 23.53 32.72 -14.20
N LEU A 45 23.84 32.07 -13.09
CA LEU A 45 23.39 30.71 -12.82
C LEU A 45 22.19 30.70 -11.86
N PHE A 46 22.09 31.69 -10.97
CA PHE A 46 21.07 31.69 -9.97
C PHE A 46 20.87 33.04 -9.33
N GLU A 47 19.61 33.43 -9.17
CA GLU A 47 19.29 34.65 -8.45
C GLU A 47 18.57 34.25 -7.18
N ASN A 48 19.13 34.62 -6.06
CA ASN A 48 18.55 34.32 -4.77
C ASN A 48 17.33 35.19 -4.45
N LYS A 49 16.15 34.56 -4.43
CA LYS A 49 14.86 35.15 -4.02
C LYS A 49 14.45 34.69 -2.59
N THR A 50 15.38 34.03 -1.87
CA THR A 50 15.14 33.48 -0.53
C THR A 50 15.71 34.42 0.55
N THR A 51 15.41 34.11 1.80
CA THR A 51 15.97 34.81 2.94
C THR A 51 17.23 34.09 3.48
N LEU A 52 17.73 33.06 2.76
CA LEU A 52 18.97 32.36 3.12
C LEU A 52 20.13 33.07 2.42
N PRO A 53 21.37 32.89 2.89
CA PRO A 53 22.52 33.43 2.14
C PRO A 53 22.57 32.86 0.71
N VAL A 54 22.96 33.68 -0.28
CA VAL A 54 22.99 33.34 -1.71
C VAL A 54 23.63 31.99 -2.03
N ASN A 55 24.81 31.68 -1.45
CA ASN A 55 25.50 30.43 -1.76
C ASN A 55 24.79 29.20 -1.18
N VAL A 56 24.14 29.37 -0.02
CA VAL A 56 23.37 28.35 0.66
C VAL A 56 22.09 28.08 -0.17
N ALA A 57 21.37 29.14 -0.57
CA ALA A 57 20.16 28.97 -1.39
C ALA A 57 20.46 28.36 -2.75
N PHE A 58 21.62 28.71 -3.34
CA PHE A 58 22.06 28.15 -4.61
C PHE A 58 22.23 26.62 -4.48
N GLU A 59 22.87 26.17 -3.40
CA GLU A 59 23.05 24.76 -3.15
C GLU A 59 21.74 24.00 -2.92
N LEU A 60 20.78 24.59 -2.16
CA LEU A 60 19.49 23.93 -1.92
C LEU A 60 18.68 23.85 -3.20
N TRP A 61 18.73 24.89 -4.02
CA TRP A 61 18.04 24.87 -5.30
C TRP A 61 18.68 23.80 -6.24
N ALA A 62 20.01 23.74 -6.32
CA ALA A 62 20.68 22.71 -7.13
C ALA A 62 20.32 21.32 -6.62
N LYS A 63 20.17 21.16 -5.29
CA LYS A 63 19.83 19.87 -4.68
C LYS A 63 18.34 19.62 -4.57
N ARG A 64 17.51 20.37 -5.32
CA ARG A 64 16.06 20.21 -5.31
C ARG A 64 15.65 18.87 -5.86
N ASN A 65 14.51 18.39 -5.43
CA ASN A 65 13.97 17.13 -5.85
C ASN A 65 13.44 17.32 -7.28
N ILE A 66 13.95 16.53 -8.22
CA ILE A 66 13.53 16.60 -9.60
C ILE A 66 12.59 15.45 -10.00
N LYS A 67 12.04 14.72 -9.02
CA LYS A 67 11.04 13.70 -9.28
C LYS A 67 9.69 14.36 -9.03
N PRO A 68 8.54 13.82 -9.52
CA PRO A 68 7.24 14.40 -9.14
C PRO A 68 7.07 14.32 -7.63
N VAL A 69 6.82 15.44 -6.98
CA VAL A 69 6.66 15.48 -5.54
C VAL A 69 5.31 16.08 -5.17
N PRO A 70 4.81 15.81 -3.95
CA PRO A 70 3.55 16.45 -3.54
C PRO A 70 3.66 17.99 -3.63
N GLU A 71 2.55 18.64 -4.01
CA GLU A 71 2.50 20.09 -4.04
C GLU A 71 2.70 20.63 -2.62
N VAL A 72 3.41 21.76 -2.46
CA VAL A 72 3.70 22.34 -1.14
C VAL A 72 2.43 22.51 -0.27
N LYS A 73 1.28 22.88 -0.87
CA LYS A 73 0.04 23.01 -0.10
C LYS A 73 -0.35 21.69 0.62
N ILE A 74 -0.10 20.51 0.01
CA ILE A 74 -0.37 19.20 0.62
C ILE A 74 0.58 18.96 1.79
N LEU A 75 1.89 19.19 1.59
CA LEU A 75 2.91 19.02 2.61
C LEU A 75 2.60 19.91 3.82
N ASN A 76 2.19 21.16 3.58
CA ASN A 76 1.82 22.12 4.62
C ASN A 76 0.56 21.68 5.38
N ASN A 77 -0.46 21.24 4.64
CA ASN A 77 -1.72 20.78 5.24
C ASN A 77 -1.52 19.53 6.10
N LEU A 78 -0.52 18.69 5.76
CA LEU A 78 -0.14 17.51 6.52
C LEU A 78 0.89 17.79 7.64
N GLY A 79 1.23 19.05 7.86
CA GLY A 79 2.13 19.47 8.92
C GLY A 79 3.60 19.14 8.74
N VAL A 80 4.07 19.00 7.47
CA VAL A 80 5.47 18.67 7.18
C VAL A 80 6.40 19.83 7.56
N ASP A 81 7.42 19.53 8.35
CA ASP A 81 8.39 20.52 8.79
C ASP A 81 9.69 20.48 7.98
N ILE A 82 10.13 19.28 7.61
CA ILE A 82 11.42 19.06 6.99
C ILE A 82 11.34 17.81 6.10
N ALA A 83 12.23 17.68 5.11
CA ALA A 83 12.26 16.51 4.26
C ALA A 83 13.50 15.66 4.57
N ALA A 84 13.39 14.35 4.45
CA ALA A 84 14.52 13.46 4.68
C ALA A 84 15.41 13.37 3.44
N ASN A 85 16.61 13.94 3.50
CA ASN A 85 17.66 13.84 2.50
C ASN A 85 17.30 14.32 1.10
N THR A 86 16.50 15.36 1.02
CA THR A 86 16.08 15.99 -0.21
C THR A 86 15.62 17.42 0.10
N VAL A 87 15.47 18.25 -0.94
CA VAL A 87 14.96 19.59 -0.81
C VAL A 87 13.71 19.65 -1.64
N ILE A 88 12.57 19.97 -1.04
CA ILE A 88 11.36 20.21 -1.80
C ILE A 88 11.41 21.71 -2.12
N TRP A 89 11.59 22.05 -3.40
CA TRP A 89 11.67 23.43 -3.82
C TRP A 89 10.29 23.98 -4.07
N ASP A 90 9.99 25.11 -3.46
CA ASP A 90 8.72 25.77 -3.56
C ASP A 90 8.88 26.77 -4.71
N TYR A 91 8.37 26.42 -5.90
CA TYR A 91 8.49 27.26 -7.08
C TYR A 91 7.60 28.49 -7.03
N LYS A 92 6.52 28.49 -6.24
CA LYS A 92 5.67 29.67 -6.10
C LYS A 92 6.36 30.75 -5.26
N ARG A 93 7.21 30.34 -4.30
CA ARG A 93 7.98 31.30 -3.52
C ARG A 93 9.43 31.45 -4.00
N ASP A 94 9.89 30.64 -4.98
CA ASP A 94 11.29 30.58 -5.45
C ASP A 94 12.23 30.36 -4.26
N ALA A 95 11.86 29.42 -3.40
CA ALA A 95 12.59 29.17 -2.16
C ALA A 95 12.39 27.75 -1.68
N PRO A 96 13.25 27.26 -0.74
CA PRO A 96 13.01 25.93 -0.17
C PRO A 96 11.66 25.91 0.58
N ALA A 97 10.85 24.85 0.41
CA ALA A 97 9.58 24.73 1.12
C ALA A 97 9.78 24.65 2.64
N HIS A 98 10.94 24.18 3.11
CA HIS A 98 11.25 23.99 4.53
C HIS A 98 12.49 24.77 4.95
N ILE A 99 12.54 25.20 6.20
CA ILE A 99 13.65 25.99 6.75
C ILE A 99 14.98 25.25 6.80
N SER A 100 14.94 24.02 7.32
CA SER A 100 16.12 23.22 7.53
C SER A 100 16.17 21.99 6.64
N THR A 101 17.33 21.34 6.63
CA THR A 101 17.51 20.12 5.85
C THR A 101 18.04 18.96 6.74
N ILE A 102 18.00 17.74 6.17
CA ILE A 102 18.56 16.54 6.76
C ILE A 102 19.41 15.93 5.66
N GLY A 103 20.72 15.84 5.89
CA GLY A 103 21.66 15.27 4.92
C GLY A 103 21.73 15.92 3.54
N VAL A 104 21.57 17.24 3.48
CA VAL A 104 21.58 17.95 2.21
C VAL A 104 22.70 19.00 2.10
N CYS A 105 22.79 19.92 3.05
CA CYS A 105 23.72 21.05 2.97
C CYS A 105 24.26 21.35 4.37
N SER A 106 25.57 21.51 4.53
CA SER A 106 26.17 21.73 5.86
C SER A 106 25.68 23.00 6.58
N MET A 107 25.22 23.99 5.82
CA MET A 107 24.73 25.23 6.42
C MET A 107 23.30 25.12 6.95
N THR A 108 22.44 24.32 6.31
CA THR A 108 21.03 24.21 6.72
C THR A 108 20.68 22.92 7.48
N ASP A 109 21.57 21.90 7.44
CA ASP A 109 21.37 20.63 8.10
C ASP A 109 21.25 20.73 9.58
N ILE A 110 20.20 20.13 10.12
CA ILE A 110 20.06 19.97 11.56
C ILE A 110 20.54 18.55 11.98
N ALA A 111 20.68 17.63 11.00
CA ALA A 111 21.07 16.24 11.12
C ALA A 111 21.52 15.76 9.73
N LYS A 112 22.26 14.64 9.69
CA LYS A 112 22.65 13.96 8.46
C LYS A 112 21.62 12.86 8.14
N LYS A 113 21.05 12.22 9.17
CA LYS A 113 20.06 11.17 9.01
C LYS A 113 18.80 11.51 9.82
N PRO A 114 17.60 11.19 9.29
CA PRO A 114 16.38 11.50 10.03
C PRO A 114 16.22 10.71 11.34
N THR A 115 17.07 9.71 11.58
CA THR A 115 17.05 8.93 12.82
C THR A 115 17.69 9.67 14.00
N GLU A 116 18.35 10.83 13.76
CA GLU A 116 18.96 11.62 14.82
C GLU A 116 17.85 12.20 15.70
N THR A 117 18.10 12.28 17.02
CA THR A 117 17.07 12.67 17.98
C THR A 117 16.52 14.07 17.73
N ILE A 118 17.28 14.98 17.07
CA ILE A 118 16.79 16.32 16.73
C ILE A 118 15.52 16.26 15.84
N CYS A 119 15.41 15.22 15.00
CA CYS A 119 14.31 15.06 14.05
C CYS A 119 13.06 14.47 14.66
N ALA A 120 13.19 13.78 15.83
CA ALA A 120 12.05 13.12 16.47
C ALA A 120 10.82 14.02 16.64
N PRO A 121 10.92 15.26 17.15
CA PRO A 121 9.71 16.12 17.26
C PRO A 121 9.18 16.71 15.96
N LEU A 122 10.00 16.74 14.90
CA LEU A 122 9.61 17.31 13.62
C LEU A 122 8.91 16.32 12.73
N THR A 123 7.92 16.75 11.96
CA THR A 123 7.26 15.87 10.99
C THR A 123 8.16 15.81 9.74
N VAL A 124 8.88 14.70 9.60
CA VAL A 124 9.81 14.51 8.50
C VAL A 124 9.08 13.93 7.28
N PHE A 125 9.33 14.47 6.08
CA PHE A 125 8.74 13.94 4.87
C PHE A 125 9.65 12.80 4.37
N PHE A 126 9.06 11.66 4.05
CA PHE A 126 9.74 10.48 3.55
C PHE A 126 9.16 10.09 2.22
N ASP A 127 10.03 9.60 1.34
CA ASP A 127 9.72 9.20 -0.01
C ASP A 127 10.03 7.73 -0.20
N GLY A 128 8.98 6.93 -0.21
CA GLY A 128 9.02 5.50 -0.38
C GLY A 128 9.72 5.06 -1.64
N ARG A 129 9.83 5.95 -2.66
CA ARG A 129 10.56 5.65 -3.89
C ARG A 129 12.09 5.62 -3.68
N VAL A 130 12.60 6.09 -2.53
CA VAL A 130 14.02 6.09 -2.21
C VAL A 130 14.23 4.96 -1.20
N ASP A 131 15.25 4.13 -1.45
CA ASP A 131 15.62 3.01 -0.63
C ASP A 131 15.79 3.36 0.84
N GLY A 132 15.18 2.55 1.71
CA GLY A 132 15.25 2.70 3.16
C GLY A 132 14.35 3.76 3.79
N GLN A 133 13.58 4.53 2.98
CA GLN A 133 12.77 5.61 3.53
C GLN A 133 11.47 5.15 4.17
N VAL A 134 10.86 4.04 3.68
CA VAL A 134 9.68 3.48 4.34
C VAL A 134 10.09 3.03 5.77
N ASP A 135 11.28 2.38 5.89
CA ASP A 135 11.80 1.95 7.19
C ASP A 135 12.05 3.12 8.11
N LEU A 136 12.57 4.23 7.55
CA LEU A 136 12.84 5.45 8.31
C LEU A 136 11.56 6.08 8.83
N PHE A 137 10.47 6.03 8.05
CA PHE A 137 9.16 6.51 8.48
C PHE A 137 8.66 5.64 9.65
N ARG A 138 8.78 4.30 9.54
CA ARG A 138 8.38 3.38 10.62
C ARG A 138 9.16 3.67 11.91
N ASN A 139 10.43 4.06 11.79
CA ASN A 139 11.24 4.36 12.97
C ASN A 139 11.07 5.80 13.48
N ALA A 140 10.54 6.72 12.64
CA ALA A 140 10.35 8.14 12.98
C ALA A 140 9.19 8.37 13.94
N ARG A 141 9.37 9.25 14.93
CA ARG A 141 8.29 9.61 15.84
C ARG A 141 7.23 10.42 15.06
N ASN A 142 7.64 11.39 14.23
CA ASN A 142 6.72 12.19 13.46
C ASN A 142 7.13 12.15 11.99
N GLY A 143 6.17 11.99 11.10
CA GLY A 143 6.48 11.93 9.69
C GLY A 143 5.32 11.79 8.75
N VAL A 144 5.60 12.04 7.48
CA VAL A 144 4.66 11.90 6.37
C VAL A 144 5.41 11.09 5.34
N LEU A 145 4.76 10.06 4.84
CA LEU A 145 5.35 9.18 3.86
C LEU A 145 4.49 9.15 2.61
N ILE A 146 5.16 9.16 1.46
CA ILE A 146 4.48 8.94 0.19
C ILE A 146 5.08 7.68 -0.40
N THR A 147 4.24 6.87 -1.03
CA THR A 147 4.70 5.67 -1.72
C THR A 147 3.91 5.54 -3.02
N GLU A 148 4.46 4.76 -3.96
CA GLU A 148 3.76 4.46 -5.20
C GLU A 148 2.88 3.19 -5.08
N GLY A 149 3.07 2.41 -4.02
CA GLY A 149 2.27 1.22 -3.76
C GLY A 149 2.01 0.95 -2.29
N SER A 150 1.63 -0.28 -2.04
CA SER A 150 1.29 -0.85 -0.77
C SER A 150 2.48 -0.97 0.21
N VAL A 151 2.27 -0.58 1.48
CA VAL A 151 3.28 -0.80 2.52
C VAL A 151 2.60 -1.76 3.48
N LYS A 152 3.18 -2.97 3.68
CA LYS A 152 2.56 -4.00 4.50
C LYS A 152 2.11 -3.50 5.90
N GLY A 153 0.82 -3.70 6.20
CA GLY A 153 0.26 -3.29 7.49
C GLY A 153 -0.17 -1.83 7.59
N LEU A 154 0.28 -0.95 6.67
CA LEU A 154 -0.06 0.48 6.71
C LEU A 154 -1.26 0.86 5.88
N GLN A 155 -2.31 1.37 6.52
CA GLN A 155 -3.54 1.75 5.81
C GLN A 155 -3.30 3.00 5.00
N PRO A 156 -3.51 2.93 3.68
CA PRO A 156 -3.17 4.08 2.84
C PRO A 156 -4.27 5.11 2.66
N SER A 157 -3.84 6.28 2.26
CA SER A 157 -4.75 7.36 1.91
C SER A 157 -4.38 7.69 0.48
N VAL A 158 -5.32 7.55 -0.45
CA VAL A 158 -5.04 7.89 -1.85
C VAL A 158 -4.98 9.40 -1.99
N GLY A 159 -3.82 9.92 -2.38
CA GLY A 159 -3.63 11.35 -2.54
C GLY A 159 -4.20 11.89 -3.83
N PRO A 160 -3.91 13.17 -4.12
CA PRO A 160 -4.40 13.74 -5.39
C PRO A 160 -3.77 13.08 -6.62
N LYS A 161 -4.45 13.17 -7.76
CA LYS A 161 -3.95 12.62 -9.01
C LYS A 161 -2.70 13.35 -9.46
N GLN A 162 -2.60 14.66 -9.15
CA GLN A 162 -1.51 15.51 -9.58
C GLN A 162 -0.38 15.66 -8.57
N ALA A 163 0.81 15.93 -9.09
CA ALA A 163 2.02 16.21 -8.33
C ALA A 163 2.80 17.33 -9.08
N SER A 164 3.78 17.91 -8.42
CA SER A 164 4.63 18.93 -8.99
C SER A 164 5.96 18.31 -9.48
N LEU A 165 6.24 18.41 -10.78
CA LEU A 165 7.52 17.96 -11.34
C LEU A 165 8.27 19.20 -11.85
N ASN A 166 9.34 19.60 -11.15
CA ASN A 166 10.13 20.77 -11.52
C ASN A 166 9.29 22.03 -11.62
N GLY A 167 8.32 22.16 -10.73
CA GLY A 167 7.42 23.30 -10.68
C GLY A 167 6.25 23.23 -11.61
N VAL A 168 6.08 22.13 -12.35
CA VAL A 168 4.95 21.98 -13.25
C VAL A 168 3.98 21.00 -12.58
N THR A 169 2.78 21.46 -12.28
CA THR A 169 1.78 20.61 -11.67
C THR A 169 1.13 19.81 -12.79
N LEU A 170 1.14 18.48 -12.66
CA LEU A 170 0.61 17.64 -13.70
C LEU A 170 0.12 16.30 -13.18
N ILE A 171 -0.75 15.66 -13.96
CA ILE A 171 -1.22 14.34 -13.71
C ILE A 171 -0.37 13.50 -14.65
N GLY A 172 0.52 12.72 -14.06
CA GLY A 172 1.51 11.94 -14.79
C GLY A 172 1.00 10.87 -15.71
N GLU A 173 1.63 10.80 -16.89
CA GLU A 173 1.35 9.77 -17.88
C GLU A 173 2.61 8.93 -18.07
N ALA A 174 3.77 9.57 -18.17
CA ALA A 174 5.05 8.87 -18.27
C ALA A 174 5.69 8.60 -16.88
N VAL A 175 5.15 9.22 -15.82
CA VAL A 175 5.59 9.13 -14.43
C VAL A 175 4.36 9.00 -13.55
N LYS A 176 4.55 8.45 -12.35
CA LYS A 176 3.45 8.32 -11.41
C LYS A 176 3.42 9.59 -10.55
N THR A 177 2.24 10.21 -10.45
CA THR A 177 2.04 11.42 -9.65
C THR A 177 1.01 11.21 -8.51
N GLN A 178 0.24 10.10 -8.55
CA GLN A 178 -0.74 9.80 -7.49
C GLN A 178 -0.10 8.90 -6.45
N PHE A 179 0.12 9.42 -5.25
CA PHE A 179 0.78 8.67 -4.19
C PHE A 179 -0.18 8.23 -3.13
N ASN A 180 0.23 7.22 -2.35
CA ASN A 180 -0.41 6.80 -1.14
C ASN A 180 0.25 7.69 -0.08
N TYR A 181 -0.55 8.17 0.86
CA TYR A 181 -0.08 9.03 1.93
C TYR A 181 -0.24 8.36 3.24
N TYR A 182 0.71 8.61 4.13
CA TYR A 182 0.75 8.08 5.48
C TYR A 182 1.29 9.17 6.41
N LYS A 183 0.75 9.25 7.63
CA LYS A 183 1.19 10.25 8.59
C LYS A 183 1.30 9.63 9.96
N LYS A 184 2.31 10.04 10.75
CA LYS A 184 2.56 9.61 12.10
C LYS A 184 2.71 10.83 12.98
N VAL A 185 2.03 10.82 14.12
CA VAL A 185 2.15 11.88 15.13
C VAL A 185 2.46 11.18 16.44
N ASP A 186 3.57 11.55 17.08
CA ASP A 186 3.99 11.02 18.38
C ASP A 186 4.14 9.50 18.40
N GLY A 187 4.70 8.96 17.34
CA GLY A 187 4.97 7.54 17.16
C GLY A 187 3.78 6.74 16.72
N VAL A 188 2.61 7.37 16.59
CA VAL A 188 1.39 6.68 16.26
C VAL A 188 0.94 7.05 14.88
N VAL A 189 0.70 6.04 14.02
CA VAL A 189 0.17 6.23 12.69
C VAL A 189 -1.23 6.83 12.80
N GLN A 190 -1.44 7.92 12.10
CA GLN A 190 -2.69 8.63 12.09
C GLN A 190 -3.53 8.27 10.89
N GLN A 191 -4.82 8.17 11.11
CA GLN A 191 -5.79 7.92 10.07
C GLN A 191 -6.00 9.28 9.38
N LEU A 192 -5.64 9.36 8.10
CA LEU A 192 -5.87 10.59 7.34
C LEU A 192 -7.34 10.62 7.01
N PRO A 193 -7.96 11.80 7.12
CA PRO A 193 -9.41 11.88 6.88
C PRO A 193 -9.80 11.75 5.43
N GLU A 194 -11.10 11.46 5.19
CA GLU A 194 -11.67 11.47 3.84
C GLU A 194 -11.61 12.94 3.38
N THR A 195 -11.15 13.17 2.15
CA THR A 195 -10.92 14.51 1.69
C THR A 195 -11.25 14.71 0.25
N TYR A 196 -11.59 15.93 -0.09
CA TYR A 196 -11.69 16.34 -1.48
C TYR A 196 -10.28 16.88 -1.80
N PHE A 197 -9.97 17.05 -3.08
CA PHE A 197 -8.70 17.65 -3.48
C PHE A 197 -8.95 18.81 -4.39
N THR A 198 -8.16 19.88 -4.23
CA THR A 198 -8.19 20.99 -5.15
C THR A 198 -7.53 20.51 -6.47
N GLN A 199 -7.95 21.10 -7.59
CA GLN A 199 -7.53 20.67 -8.92
C GLN A 199 -6.22 21.33 -9.41
N SER A 200 -5.72 22.35 -8.72
CA SER A 200 -4.45 23.02 -9.03
C SER A 200 -4.34 23.61 -10.45
N ARG A 201 -5.45 24.12 -11.01
CA ARG A 201 -5.46 24.69 -12.34
C ARG A 201 -5.10 26.18 -12.37
N ASN A 202 -4.75 26.69 -13.56
CA ASN A 202 -4.41 28.09 -13.85
C ASN A 202 -5.61 28.75 -14.48
N LEU A 203 -5.68 30.07 -14.34
CA LEU A 203 -6.74 30.85 -14.96
C LEU A 203 -6.55 30.91 -16.49
N GLN A 204 -5.31 31.13 -16.94
CA GLN A 204 -4.97 31.27 -18.36
C GLN A 204 -5.16 29.97 -19.12
N GLU A 205 -4.77 28.85 -18.52
CA GLU A 205 -4.87 27.55 -19.20
C GLU A 205 -5.85 26.61 -18.53
N PHE A 206 -7.01 27.11 -18.12
CA PHE A 206 -8.01 26.30 -17.45
C PHE A 206 -8.66 25.26 -18.36
N LYS A 207 -8.65 24.00 -17.92
CA LYS A 207 -9.30 22.93 -18.68
C LYS A 207 -10.37 22.25 -17.84
N PRO A 208 -11.58 22.10 -18.40
CA PRO A 208 -12.65 21.41 -17.66
C PRO A 208 -12.32 19.92 -17.48
N ARG A 209 -12.64 19.35 -16.31
CA ARG A 209 -12.32 17.95 -16.03
C ARG A 209 -13.57 17.10 -15.75
N SER A 210 -14.72 17.52 -16.29
CA SER A 210 -15.98 16.79 -16.15
C SER A 210 -17.01 17.37 -17.12
N GLN A 211 -18.10 16.63 -17.38
CA GLN A 211 -19.17 17.13 -18.25
C GLN A 211 -19.83 18.36 -17.63
N MET A 212 -19.91 18.44 -16.29
CA MET A 212 -20.49 19.60 -15.63
C MET A 212 -19.63 20.85 -15.87
N GLU A 213 -18.30 20.70 -15.81
CA GLU A 213 -17.38 21.80 -16.05
C GLU A 213 -17.39 22.26 -17.50
N ILE A 214 -17.58 21.32 -18.44
CA ILE A 214 -17.69 21.62 -19.87
C ILE A 214 -18.97 22.43 -20.11
N ASP A 215 -20.07 22.02 -19.45
CA ASP A 215 -21.35 22.71 -19.55
C ASP A 215 -21.33 24.08 -18.86
N PHE A 216 -20.55 24.24 -17.79
CA PHE A 216 -20.45 25.53 -17.11
C PHE A 216 -19.78 26.55 -18.02
N LEU A 217 -18.70 26.14 -18.69
CA LEU A 217 -17.97 27.01 -19.58
C LEU A 217 -18.72 27.28 -20.90
N GLU A 218 -19.50 26.32 -21.38
CA GLU A 218 -20.21 26.50 -22.65
C GLU A 218 -21.62 27.11 -22.51
N LEU A 219 -22.45 26.57 -21.63
CA LEU A 219 -23.82 27.06 -21.44
C LEU A 219 -23.86 28.43 -20.79
N ALA A 220 -24.96 29.17 -21.06
CA ALA A 220 -25.24 30.46 -20.44
C ALA A 220 -25.62 30.18 -18.97
N MET A 221 -25.47 31.18 -18.10
CA MET A 221 -25.73 31.03 -16.67
C MET A 221 -27.07 30.37 -16.32
N ASP A 222 -28.16 30.87 -16.89
CA ASP A 222 -29.50 30.37 -16.58
C ASP A 222 -29.77 28.96 -17.08
N GLU A 223 -29.22 28.57 -18.25
CA GLU A 223 -29.46 27.22 -18.74
C GLU A 223 -28.56 26.19 -18.02
N PHE A 224 -27.40 26.62 -17.48
CA PHE A 224 -26.56 25.68 -16.71
C PHE A 224 -27.24 25.41 -15.36
N ILE A 225 -27.68 26.48 -14.68
CA ILE A 225 -28.37 26.37 -13.39
C ILE A 225 -29.67 25.55 -13.54
N GLU A 226 -30.32 25.63 -14.71
CA GLU A 226 -31.52 24.84 -14.97
C GLU A 226 -31.16 23.37 -15.19
N ARG A 227 -30.20 23.08 -16.10
CA ARG A 227 -29.76 21.72 -16.42
C ARG A 227 -29.29 20.92 -15.20
N TYR A 228 -28.61 21.61 -14.27
CA TYR A 228 -28.08 20.92 -13.08
C TYR A 228 -28.90 21.11 -11.81
N LYS A 229 -30.12 21.66 -11.94
CA LYS A 229 -31.06 21.85 -10.83
C LYS A 229 -30.42 22.62 -9.68
N LEU A 230 -29.76 23.73 -10.00
CA LEU A 230 -29.06 24.54 -9.01
C LEU A 230 -29.82 25.78 -8.55
N GLU A 231 -31.14 25.87 -8.85
CA GLU A 231 -31.96 26.99 -8.42
C GLU A 231 -32.01 27.06 -6.89
N GLY A 232 -31.78 28.25 -6.35
CA GLY A 232 -31.77 28.45 -4.92
C GLY A 232 -30.42 28.22 -4.25
N TYR A 233 -29.38 27.84 -5.03
CA TYR A 233 -28.05 27.59 -4.49
C TYR A 233 -27.05 28.75 -4.68
N ALA A 234 -27.55 29.92 -5.12
CA ALA A 234 -26.80 31.16 -5.32
C ALA A 234 -25.52 31.03 -6.17
N PHE A 235 -25.54 30.21 -7.22
CA PHE A 235 -24.38 30.07 -8.12
C PHE A 235 -24.12 31.36 -8.89
N GLU A 236 -25.18 32.16 -9.15
CA GLU A 236 -25.12 33.45 -9.83
C GLU A 236 -24.15 34.38 -9.06
N HIS A 237 -24.24 34.35 -7.71
CA HIS A 237 -23.37 35.13 -6.84
C HIS A 237 -22.01 34.40 -6.58
N ILE A 238 -22.05 33.18 -6.00
CA ILE A 238 -20.90 32.39 -5.59
C ILE A 238 -19.95 31.99 -6.71
N VAL A 239 -20.46 31.41 -7.80
CA VAL A 239 -19.61 30.90 -8.86
C VAL A 239 -19.43 31.87 -10.03
N TYR A 240 -20.51 32.41 -10.56
CA TYR A 240 -20.44 33.33 -11.69
C TYR A 240 -19.88 34.69 -11.31
N GLY A 241 -20.21 35.16 -10.11
CA GLY A 241 -19.78 36.46 -9.65
C GLY A 241 -20.76 37.55 -10.01
N ASP A 242 -20.87 38.53 -9.14
CA ASP A 242 -21.74 39.67 -9.34
C ASP A 242 -20.84 40.90 -9.52
N PHE A 243 -20.84 41.49 -10.70
CA PHE A 243 -19.99 42.65 -10.99
C PHE A 243 -20.79 43.93 -11.15
N SER A 244 -22.00 44.01 -10.58
CA SER A 244 -22.88 45.15 -10.74
C SER A 244 -22.65 46.27 -9.74
N HIS A 245 -22.09 45.95 -8.57
CA HIS A 245 -21.81 46.94 -7.52
C HIS A 245 -20.31 47.21 -7.38
N SER A 246 -19.94 48.27 -6.62
CA SER A 246 -18.53 48.60 -6.42
C SER A 246 -17.79 47.44 -5.77
N GLN A 247 -18.45 46.71 -4.84
CA GLN A 247 -17.86 45.52 -4.27
C GLN A 247 -18.30 44.31 -5.10
N LEU A 248 -17.31 43.61 -5.67
CA LEU A 248 -17.48 42.39 -6.45
C LEU A 248 -18.10 41.33 -5.55
N GLY A 249 -19.20 40.75 -6.00
CA GLY A 249 -19.93 39.74 -5.25
C GLY A 249 -19.54 38.34 -5.60
N GLY A 250 -19.35 37.52 -4.57
CA GLY A 250 -18.97 36.12 -4.70
C GLY A 250 -17.68 35.88 -5.46
N LEU A 251 -17.75 35.02 -6.48
CA LEU A 251 -16.63 34.64 -7.34
C LEU A 251 -15.54 33.90 -6.53
N HIS A 252 -15.91 32.74 -5.97
CA HIS A 252 -15.02 31.98 -5.11
C HIS A 252 -14.52 30.66 -5.69
N LEU A 253 -15.01 30.27 -6.88
CA LEU A 253 -14.57 29.02 -7.51
C LEU A 253 -13.73 29.41 -8.70
N LEU A 254 -12.53 28.80 -8.87
CA LEU A 254 -11.64 29.12 -9.98
C LEU A 254 -12.31 29.00 -11.35
N ILE A 255 -13.18 27.99 -11.55
CA ILE A 255 -13.90 27.83 -12.82
C ILE A 255 -14.73 29.10 -13.18
N GLY A 256 -15.31 29.78 -12.18
CA GLY A 256 -16.07 31.00 -12.40
C GLY A 256 -15.18 32.14 -12.86
N LEU A 257 -13.99 32.23 -12.29
CA LEU A 257 -13.01 33.22 -12.70
C LEU A 257 -12.51 32.89 -14.12
N ALA A 258 -12.35 31.60 -14.45
CA ALA A 258 -11.90 31.18 -15.77
C ALA A 258 -12.94 31.54 -16.83
N LYS A 259 -14.24 31.35 -16.51
CA LYS A 259 -15.31 31.69 -17.44
C LYS A 259 -15.34 33.20 -17.68
N ARG A 260 -15.18 34.01 -16.62
CA ARG A 260 -15.17 35.47 -16.71
C ARG A 260 -13.98 35.95 -17.54
N PHE A 261 -12.81 35.36 -17.30
CA PHE A 261 -11.55 35.66 -17.96
C PHE A 261 -11.60 35.50 -19.49
N LYS A 262 -12.42 34.57 -19.99
CA LYS A 262 -12.59 34.39 -21.43
C LYS A 262 -13.26 35.61 -22.05
N GLU A 263 -14.24 36.18 -21.34
CA GLU A 263 -14.97 37.36 -21.81
C GLU A 263 -14.17 38.65 -21.59
N SER A 264 -13.74 38.93 -20.35
CA SER A 264 -12.97 40.14 -20.07
C SER A 264 -11.90 39.92 -19.01
N PRO A 265 -10.79 40.68 -19.07
CA PRO A 265 -9.70 40.47 -18.10
C PRO A 265 -9.93 41.07 -16.73
N PHE A 266 -9.10 40.71 -15.76
CA PHE A 266 -9.17 41.28 -14.42
C PHE A 266 -7.83 41.13 -13.71
N GLU A 267 -7.55 42.01 -12.73
CA GLU A 267 -6.33 41.93 -11.97
C GLU A 267 -6.57 41.04 -10.78
N LEU A 268 -5.69 40.05 -10.57
CA LEU A 268 -5.78 39.18 -9.41
C LEU A 268 -4.52 39.44 -8.61
N GLU A 269 -4.60 40.25 -7.55
CA GLU A 269 -3.44 40.51 -6.74
C GLU A 269 -3.24 39.43 -5.66
N ASP A 270 -2.17 38.65 -5.81
CA ASP A 270 -1.80 37.58 -4.92
C ASP A 270 -0.96 38.19 -3.77
N PHE A 271 -1.62 38.80 -2.77
CA PHE A 271 -0.93 39.52 -1.69
C PHE A 271 -0.21 38.63 -0.66
N ILE A 272 -0.45 37.32 -0.65
CA ILE A 272 0.33 36.36 0.16
C ILE A 272 0.76 35.27 -0.82
N PRO A 273 1.84 35.50 -1.60
CA PRO A 273 2.20 34.55 -2.65
C PRO A 273 2.85 33.23 -2.20
N MET A 274 2.01 32.24 -2.04
CA MET A 274 2.41 30.92 -1.60
C MET A 274 1.33 29.90 -1.99
N ASP A 275 1.71 28.66 -2.13
CA ASP A 275 0.78 27.59 -2.45
C ASP A 275 -0.17 27.37 -1.24
N SER A 276 -1.48 27.46 -1.46
CA SER A 276 -2.44 27.12 -0.42
C SER A 276 -3.76 26.62 -1.03
N THR A 277 -4.48 25.75 -0.30
CA THR A 277 -5.77 25.16 -0.69
C THR A 277 -6.76 26.24 -1.03
N VAL A 278 -6.83 27.26 -0.19
CA VAL A 278 -7.65 28.42 -0.49
C VAL A 278 -6.71 29.61 -0.74
N LYS A 279 -6.92 30.33 -1.84
CA LYS A 279 -6.11 31.50 -2.15
C LYS A 279 -6.91 32.79 -1.90
N ASN A 280 -6.24 33.87 -1.49
CA ASN A 280 -6.88 35.17 -1.31
C ASN A 280 -6.33 36.15 -2.32
N TYR A 281 -7.23 36.78 -3.10
CA TYR A 281 -6.80 37.76 -4.08
C TYR A 281 -7.50 39.08 -3.91
N PHE A 282 -6.79 40.16 -4.18
CA PHE A 282 -7.40 41.48 -4.22
C PHE A 282 -7.76 41.56 -5.70
N ILE A 283 -9.04 41.37 -6.05
CA ILE A 283 -9.45 41.35 -7.46
C ILE A 283 -10.04 42.70 -7.97
N THR A 284 -9.72 43.09 -9.21
CA THR A 284 -10.28 44.28 -9.82
C THR A 284 -10.75 43.86 -11.19
N ASP A 285 -12.06 43.94 -11.44
CA ASP A 285 -12.62 43.57 -12.74
C ASP A 285 -12.40 44.75 -13.70
N ALA A 286 -11.68 44.53 -14.82
CA ALA A 286 -11.36 45.60 -15.75
C ALA A 286 -12.54 46.14 -16.53
N GLN A 287 -13.52 45.29 -16.84
CA GLN A 287 -14.70 45.73 -17.60
C GLN A 287 -15.59 46.68 -16.80
N THR A 288 -15.86 46.33 -15.54
CA THR A 288 -16.82 47.08 -14.75
C THR A 288 -16.22 48.00 -13.68
N GLY A 289 -15.05 47.66 -13.17
CA GLY A 289 -14.47 48.38 -12.04
C GLY A 289 -14.98 47.83 -10.71
N SER A 290 -15.70 46.70 -10.73
CA SER A 290 -16.16 46.02 -9.52
C SER A 290 -14.88 45.41 -8.89
N SER A 291 -14.67 45.60 -7.59
CA SER A 291 -13.46 45.06 -6.95
C SER A 291 -13.71 44.48 -5.54
N LYS A 292 -12.76 43.69 -5.02
CA LYS A 292 -12.87 43.13 -3.69
C LYS A 292 -11.45 42.93 -3.14
N CYS A 293 -11.16 43.52 -1.97
CA CYS A 293 -9.84 43.42 -1.33
C CYS A 293 -9.41 42.00 -1.04
N VAL A 294 -10.31 41.19 -0.51
CA VAL A 294 -10.03 39.82 -0.14
C VAL A 294 -11.07 38.91 -0.75
N CYS A 295 -10.75 38.34 -1.90
CA CYS A 295 -11.63 37.40 -2.58
C CYS A 295 -11.02 36.02 -2.48
N SER A 296 -11.56 35.19 -1.59
CA SER A 296 -11.09 33.83 -1.39
C SER A 296 -11.51 32.97 -2.59
N VAL A 297 -10.57 32.25 -3.16
CA VAL A 297 -10.81 31.40 -4.31
C VAL A 297 -10.27 30.01 -4.06
N ILE A 298 -11.08 29.02 -4.40
CA ILE A 298 -10.69 27.63 -4.30
C ILE A 298 -10.91 26.99 -5.67
N ASP A 299 -9.97 26.12 -6.07
CA ASP A 299 -10.14 25.39 -7.32
C ASP A 299 -10.64 24.00 -7.00
N LEU A 300 -11.95 23.85 -6.87
CA LEU A 300 -12.54 22.54 -6.65
C LEU A 300 -13.15 22.13 -7.97
N LEU A 301 -13.24 20.81 -8.26
CA LEU A 301 -13.96 20.32 -9.44
C LEU A 301 -15.42 20.74 -9.24
N LEU A 302 -16.06 21.37 -10.23
CA LEU A 302 -17.42 21.90 -10.04
C LEU A 302 -18.41 20.90 -9.44
N ASP A 303 -18.27 19.62 -9.80
CA ASP A 303 -19.10 18.53 -9.29
C ASP A 303 -18.93 18.39 -7.79
N ASP A 304 -17.68 18.51 -7.30
CA ASP A 304 -17.33 18.42 -5.89
C ASP A 304 -17.93 19.59 -5.11
N PHE A 305 -17.88 20.82 -5.67
CA PHE A 305 -18.45 22.00 -5.04
C PHE A 305 -19.97 21.89 -4.98
N VAL A 306 -20.60 21.40 -6.07
CA VAL A 306 -22.04 21.18 -6.15
C VAL A 306 -22.45 20.16 -5.07
N GLU A 307 -21.68 19.06 -4.94
CA GLU A 307 -21.92 18.05 -3.93
C GLU A 307 -21.84 18.64 -2.51
N ILE A 308 -20.83 19.46 -2.23
CA ILE A 308 -20.68 20.10 -0.92
C ILE A 308 -21.87 21.00 -0.60
N ILE A 309 -22.24 21.92 -1.53
CA ILE A 309 -23.31 22.87 -1.27
C ILE A 309 -24.67 22.18 -1.19
N LYS A 310 -24.91 21.16 -2.02
CA LYS A 310 -26.17 20.42 -1.97
C LYS A 310 -26.30 19.50 -0.76
N SER A 311 -25.22 19.28 -0.01
CA SER A 311 -25.25 18.45 1.19
C SER A 311 -25.41 19.28 2.48
N GLN A 312 -25.80 20.57 2.35
CA GLN A 312 -25.94 21.42 3.52
C GLN A 312 -27.37 21.70 3.91
N ASP A 313 -27.59 21.88 5.21
CA ASP A 313 -28.89 22.23 5.73
C ASP A 313 -29.02 23.73 5.48
N LEU A 314 -30.12 24.14 4.81
CA LEU A 314 -30.33 25.54 4.45
C LEU A 314 -31.34 26.25 5.34
N SER A 315 -31.50 25.81 6.60
CA SER A 315 -32.50 26.40 7.48
C SER A 315 -31.99 27.44 8.50
N VAL A 316 -30.68 27.79 8.47
CA VAL A 316 -30.14 28.77 9.42
C VAL A 316 -29.55 30.01 8.72
N VAL A 317 -29.67 31.19 9.35
CA VAL A 317 -29.14 32.44 8.78
C VAL A 317 -27.62 32.37 8.49
N SER A 318 -26.79 32.13 9.50
CA SER A 318 -25.34 32.03 9.30
C SER A 318 -24.81 30.80 9.99
N LYS A 319 -23.86 30.11 9.37
CA LYS A 319 -23.35 28.86 9.91
C LYS A 319 -21.98 28.52 9.32
N VAL A 320 -21.10 27.93 10.13
CA VAL A 320 -19.79 27.51 9.66
C VAL A 320 -19.91 26.06 9.18
N VAL A 321 -19.50 25.81 7.94
CA VAL A 321 -19.52 24.49 7.33
C VAL A 321 -18.07 24.09 7.15
N LYS A 322 -17.62 23.03 7.82
CA LYS A 322 -16.25 22.57 7.70
C LYS A 322 -16.19 21.45 6.67
N VAL A 323 -15.32 21.57 5.66
CA VAL A 323 -15.16 20.56 4.63
C VAL A 323 -13.69 20.20 4.55
N THR A 324 -13.34 18.89 4.53
CA THR A 324 -11.94 18.48 4.40
C THR A 324 -11.51 18.56 2.93
N ILE A 325 -10.50 19.39 2.64
CA ILE A 325 -9.96 19.60 1.29
C ILE A 325 -8.43 19.62 1.41
N ASP A 326 -7.74 18.77 0.63
CA ASP A 326 -6.30 18.62 0.66
C ASP A 326 -5.81 18.24 2.05
N TYR A 327 -6.60 17.41 2.77
CA TYR A 327 -6.33 16.92 4.12
C TYR A 327 -6.51 17.97 5.22
N THR A 328 -6.82 19.21 4.87
CA THR A 328 -7.05 20.25 5.86
C THR A 328 -8.54 20.55 6.01
N GLU A 329 -8.97 21.03 7.18
CA GLU A 329 -10.38 21.41 7.35
C GLU A 329 -10.56 22.86 6.94
N ILE A 330 -11.34 23.07 5.89
CA ILE A 330 -11.62 24.40 5.38
C ILE A 330 -12.96 24.84 5.92
N SER A 331 -12.98 25.99 6.61
CA SER A 331 -14.23 26.56 7.10
C SER A 331 -14.87 27.37 6.00
N PHE A 332 -16.15 27.19 5.81
CA PHE A 332 -16.93 27.93 4.84
C PHE A 332 -18.01 28.65 5.64
N MET A 333 -18.38 29.81 5.15
CA MET A 333 -19.43 30.59 5.77
C MET A 333 -20.67 30.44 4.91
N LEU A 334 -21.69 29.77 5.44
CA LEU A 334 -22.93 29.56 4.70
C LEU A 334 -24.03 30.51 5.19
N TRP A 335 -24.58 31.30 4.29
CA TRP A 335 -25.63 32.26 4.60
C TRP A 335 -26.90 31.90 3.85
N CYS A 336 -28.00 31.70 4.59
CA CYS A 336 -29.27 31.31 3.99
C CYS A 336 -30.39 32.25 4.39
N LYS A 337 -31.46 32.25 3.59
CA LYS A 337 -32.67 33.04 3.83
C LYS A 337 -33.81 32.29 3.15
N ASP A 338 -34.90 32.00 3.89
CA ASP A 338 -36.09 31.32 3.38
C ASP A 338 -35.83 29.99 2.68
N GLY A 339 -34.86 29.22 3.19
CA GLY A 339 -34.52 27.92 2.60
C GLY A 339 -33.65 27.95 1.36
N HIS A 340 -33.12 29.13 1.02
CA HIS A 340 -32.24 29.26 -0.14
C HIS A 340 -30.90 29.84 0.28
N VAL A 341 -29.83 29.50 -0.46
CA VAL A 341 -28.51 30.02 -0.21
C VAL A 341 -28.46 31.49 -0.66
N GLU A 342 -27.81 32.33 0.12
CA GLU A 342 -27.53 33.72 -0.21
C GLU A 342 -26.05 33.73 -0.62
N THR A 343 -25.16 33.21 0.24
CA THR A 343 -23.75 33.06 -0.08
C THR A 343 -23.13 31.85 0.64
N PHE A 344 -21.98 31.39 0.13
CA PHE A 344 -21.23 30.26 0.64
C PHE A 344 -19.80 30.53 0.19
N TYR A 345 -18.87 30.74 1.13
CA TYR A 345 -17.51 31.09 0.76
C TYR A 345 -16.49 30.59 1.76
N PRO A 346 -15.26 30.29 1.32
CA PRO A 346 -14.21 29.90 2.28
C PRO A 346 -13.94 31.04 3.25
N LYS A 347 -14.38 30.87 4.52
CA LYS A 347 -14.33 31.82 5.65
C LYS A 347 -12.98 32.53 5.83
N LEU A 348 -13.02 33.88 5.73
CA LEU A 348 -11.85 34.75 5.84
C LEU A 348 -11.27 34.82 7.26
N GLN A 349 -9.93 34.61 7.36
CA GLN A 349 -9.10 34.61 8.58
C GLN A 349 -9.37 33.39 9.51
N ALA B 2 3.17 -45.38 -21.50
CA ALA B 2 2.47 -46.64 -21.29
C ALA B 2 1.90 -46.71 -19.89
N MET B 3 1.12 -45.67 -19.56
CA MET B 3 0.47 -45.49 -18.27
C MET B 3 -0.59 -46.55 -17.91
N SER B 4 -0.52 -47.07 -16.69
CA SER B 4 -1.45 -48.07 -16.22
C SER B 4 -1.50 -48.08 -14.70
N LEU B 5 -2.61 -48.58 -14.16
CA LEU B 5 -2.82 -48.72 -12.73
C LEU B 5 -1.72 -49.63 -12.12
N GLU B 6 -1.45 -50.75 -12.79
CA GLU B 6 -0.47 -51.75 -12.37
C GLU B 6 0.96 -51.21 -12.42
N ASN B 7 1.25 -50.34 -13.39
CA ASN B 7 2.53 -49.70 -13.50
C ASN B 7 2.72 -48.63 -12.41
N VAL B 8 1.67 -47.84 -12.11
CA VAL B 8 1.71 -46.84 -11.04
C VAL B 8 1.98 -47.56 -9.72
N ALA B 9 1.23 -48.65 -9.47
CA ALA B 9 1.40 -49.48 -8.29
C ALA B 9 2.80 -50.10 -8.19
N PHE B 10 3.36 -50.54 -9.32
CA PHE B 10 4.73 -51.07 -9.38
C PHE B 10 5.73 -50.01 -8.89
N ASN B 11 5.59 -48.79 -9.39
CA ASN B 11 6.44 -47.69 -9.01
C ASN B 11 6.28 -47.37 -7.53
N VAL B 12 5.04 -47.35 -7.02
CA VAL B 12 4.81 -47.06 -5.59
C VAL B 12 5.49 -48.11 -4.73
N VAL B 13 5.28 -49.40 -5.03
CA VAL B 13 5.87 -50.52 -4.29
C VAL B 13 7.41 -50.49 -4.35
N ASN B 14 8.00 -50.25 -5.52
CA ASN B 14 9.46 -50.32 -5.68
C ASN B 14 10.25 -49.04 -5.51
N LYS B 15 9.66 -47.88 -5.81
CA LYS B 15 10.33 -46.58 -5.77
C LYS B 15 9.79 -45.59 -4.73
N GLY B 16 8.71 -45.96 -4.04
CA GLY B 16 8.10 -45.10 -3.04
C GLY B 16 7.20 -44.02 -3.59
N HIS B 17 7.06 -43.96 -4.91
CA HIS B 17 6.29 -42.95 -5.66
C HIS B 17 6.47 -43.25 -7.16
N PHE B 18 5.75 -42.51 -8.03
CA PHE B 18 5.88 -42.71 -9.46
C PHE B 18 7.23 -42.17 -9.89
N ASP B 19 8.02 -43.03 -10.51
CA ASP B 19 9.37 -42.73 -10.94
C ASP B 19 9.66 -43.12 -12.41
N GLY B 20 8.61 -43.32 -13.20
CA GLY B 20 8.73 -43.66 -14.62
C GLY B 20 9.34 -45.03 -14.91
N GLN B 21 9.38 -45.91 -13.92
CA GLN B 21 9.95 -47.24 -14.09
C GLN B 21 9.00 -48.18 -14.78
N GLN B 22 9.53 -49.14 -15.52
CA GLN B 22 8.71 -50.14 -16.19
C GLN B 22 8.43 -51.27 -15.21
N GLY B 23 7.26 -51.86 -15.32
CA GLY B 23 6.88 -52.97 -14.46
C GLY B 23 5.44 -52.90 -14.03
N GLU B 24 4.90 -54.03 -13.59
CA GLU B 24 3.51 -54.13 -13.18
C GLU B 24 3.40 -55.00 -11.95
N VAL B 25 2.59 -54.59 -10.97
CA VAL B 25 2.27 -55.43 -9.81
C VAL B 25 0.74 -55.65 -9.84
N PRO B 26 0.26 -56.82 -9.41
CA PRO B 26 -1.20 -57.04 -9.41
C PRO B 26 -1.89 -56.16 -8.39
N VAL B 27 -3.02 -55.57 -8.79
CA VAL B 27 -3.75 -54.63 -7.92
C VAL B 27 -5.18 -55.03 -7.77
N SER B 28 -5.75 -54.74 -6.61
CA SER B 28 -7.17 -54.90 -6.41
C SER B 28 -7.75 -53.59 -5.85
N ILE B 29 -8.89 -53.20 -6.39
CA ILE B 29 -9.55 -51.98 -5.94
C ILE B 29 -10.84 -52.32 -5.22
N ILE B 30 -10.94 -51.95 -3.94
CA ILE B 30 -12.13 -52.23 -3.12
C ILE B 30 -12.41 -51.02 -2.29
N ASN B 31 -13.68 -50.60 -2.07
N ASN B 31 -13.55 -50.47 -2.77
CA ASN B 31 -14.03 -49.45 -1.16
CA ASN B 31 -14.25 -49.25 -2.50
C ASN B 31 -12.95 -48.31 -0.93
C ASN B 31 -13.33 -48.14 -2.94
N ASN B 32 -12.69 -47.51 -1.99
CA ASN B 32 -11.77 -46.41 -2.12
C ASN B 32 -10.35 -46.74 -1.74
N THR B 33 -9.97 -48.01 -1.78
CA THR B 33 -8.65 -48.44 -1.40
C THR B 33 -7.98 -49.24 -2.49
N VAL B 34 -6.71 -49.00 -2.69
CA VAL B 34 -5.91 -49.72 -3.66
C VAL B 34 -5.05 -50.69 -2.86
N TYR B 35 -5.10 -51.98 -3.22
CA TYR B 35 -4.29 -53.00 -2.59
C TYR B 35 -3.39 -53.63 -3.63
N THR B 36 -2.34 -54.30 -3.15
CA THR B 36 -1.46 -55.12 -3.98
C THR B 36 -1.19 -56.43 -3.25
N LYS B 37 -1.02 -57.53 -4.00
CA LYS B 37 -0.75 -58.82 -3.39
C LYS B 37 0.73 -58.94 -3.03
N VAL B 38 1.04 -59.23 -1.77
CA VAL B 38 2.39 -59.50 -1.28
C VAL B 38 2.32 -60.78 -0.43
N ASP B 39 3.08 -61.83 -0.81
CA ASP B 39 3.09 -63.10 -0.09
C ASP B 39 1.68 -63.70 0.01
N GLY B 40 0.92 -63.56 -1.08
CA GLY B 40 -0.43 -64.08 -1.16
C GLY B 40 -1.53 -63.29 -0.46
N VAL B 41 -1.18 -62.20 0.25
CA VAL B 41 -2.19 -61.39 0.94
C VAL B 41 -2.21 -59.95 0.45
N ASP B 42 -3.36 -59.28 0.61
CA ASP B 42 -3.52 -57.90 0.16
C ASP B 42 -2.93 -56.92 1.12
N VAL B 43 -2.16 -56.00 0.58
CA VAL B 43 -1.52 -54.96 1.37
C VAL B 43 -2.02 -53.64 0.83
N GLU B 44 -2.53 -52.79 1.70
CA GLU B 44 -3.04 -51.48 1.33
C GLU B 44 -1.92 -50.54 0.82
N LEU B 45 -2.10 -50.00 -0.38
CA LEU B 45 -1.17 -49.02 -0.96
C LEU B 45 -1.68 -47.61 -0.83
N PHE B 46 -3.01 -47.43 -0.86
CA PHE B 46 -3.58 -46.09 -0.88
C PHE B 46 -5.03 -46.09 -0.50
N GLU B 47 -5.41 -45.14 0.35
CA GLU B 47 -6.81 -44.93 0.67
C GLU B 47 -7.21 -43.57 0.12
N ASN B 48 -8.19 -43.58 -0.77
CA ASN B 48 -8.70 -42.37 -1.38
C ASN B 48 -9.54 -41.52 -0.43
N LYS B 49 -9.04 -40.33 -0.07
CA LYS B 49 -9.75 -39.33 0.73
C LYS B 49 -10.24 -38.14 -0.16
N THR B 50 -10.09 -38.25 -1.50
CA THR B 50 -10.44 -37.23 -2.45
C THR B 50 -11.87 -37.47 -3.02
N THR B 51 -12.36 -36.50 -3.79
CA THR B 51 -13.61 -36.62 -4.49
C THR B 51 -13.39 -37.16 -5.93
N LEU B 52 -12.16 -37.55 -6.29
CA LEU B 52 -11.84 -38.11 -7.60
C LEU B 52 -12.03 -39.64 -7.49
N PRO B 53 -12.19 -40.34 -8.63
CA PRO B 53 -12.22 -41.81 -8.58
C PRO B 53 -10.90 -42.35 -7.98
N VAL B 54 -10.98 -43.44 -7.19
CA VAL B 54 -9.87 -44.05 -6.46
C VAL B 54 -8.62 -44.26 -7.31
N ASN B 55 -8.74 -44.81 -8.54
CA ASN B 55 -7.57 -45.07 -9.37
C ASN B 55 -6.90 -43.81 -9.90
N VAL B 56 -7.70 -42.77 -10.18
CA VAL B 56 -7.26 -41.47 -10.65
C VAL B 56 -6.52 -40.78 -9.50
N ALA B 57 -7.12 -40.76 -8.29
CA ALA B 57 -6.47 -40.15 -7.12
C ALA B 57 -5.18 -40.86 -6.74
N PHE B 58 -5.14 -42.20 -6.89
CA PHE B 58 -3.95 -43.00 -6.61
C PHE B 58 -2.81 -42.56 -7.53
N GLU B 59 -3.10 -42.37 -8.83
CA GLU B 59 -2.11 -41.94 -9.79
C GLU B 59 -1.60 -40.52 -9.52
N LEU B 60 -2.48 -39.58 -9.15
CA LEU B 60 -2.05 -38.21 -8.87
C LEU B 60 -1.20 -38.15 -7.61
N TRP B 61 -1.56 -38.94 -6.60
CA TRP B 61 -0.78 -39.03 -5.38
C TRP B 61 0.61 -39.64 -5.68
N ALA B 62 0.68 -40.74 -6.46
CA ALA B 62 1.96 -41.34 -6.83
C ALA B 62 2.80 -40.34 -7.63
N LYS B 63 2.16 -39.50 -8.47
CA LYS B 63 2.84 -38.49 -9.28
C LYS B 63 3.04 -37.14 -8.59
N ARG B 64 2.88 -37.09 -7.25
CA ARG B 64 3.05 -35.88 -6.47
C ARG B 64 4.49 -35.38 -6.55
N ASN B 65 4.66 -34.10 -6.35
CA ASN B 65 5.95 -33.45 -6.35
C ASN B 65 6.62 -33.80 -5.01
N ILE B 66 7.79 -34.39 -5.09
CA ILE B 66 8.56 -34.78 -3.91
C ILE B 66 9.75 -33.84 -3.63
N LYS B 67 9.79 -32.66 -4.27
CA LYS B 67 10.79 -31.66 -4.00
C LYS B 67 10.13 -30.68 -3.04
N PRO B 68 10.90 -29.82 -2.31
CA PRO B 68 10.24 -28.78 -1.49
C PRO B 68 9.44 -27.86 -2.41
N VAL B 69 8.14 -27.71 -2.15
CA VAL B 69 7.28 -26.87 -2.97
C VAL B 69 6.62 -25.80 -2.12
N PRO B 70 6.11 -24.71 -2.74
CA PRO B 70 5.37 -23.71 -1.96
C PRO B 70 4.19 -24.36 -1.23
N GLU B 71 3.89 -23.89 -0.02
CA GLU B 71 2.73 -24.37 0.71
C GLU B 71 1.46 -24.00 -0.05
N VAL B 72 0.44 -24.87 -0.04
CA VAL B 72 -0.80 -24.66 -0.79
C VAL B 72 -1.43 -23.27 -0.49
N LYS B 73 -1.38 -22.77 0.76
CA LYS B 73 -1.92 -21.45 1.09
C LYS B 73 -1.26 -20.34 0.22
N ILE B 74 0.06 -20.43 -0.10
CA ILE B 74 0.76 -19.47 -0.95
C ILE B 74 0.27 -19.56 -2.40
N LEU B 75 0.18 -20.79 -2.93
CA LEU B 75 -0.30 -21.03 -4.29
C LEU B 75 -1.72 -20.48 -4.47
N ASN B 76 -2.59 -20.72 -3.47
CA ASN B 76 -3.97 -20.23 -3.47
C ASN B 76 -4.04 -18.71 -3.41
N ASN B 77 -3.22 -18.09 -2.54
CA ASN B 77 -3.19 -16.64 -2.40
C ASN B 77 -2.69 -15.96 -3.67
N LEU B 78 -1.81 -16.63 -4.42
CA LEU B 78 -1.32 -16.13 -5.68
C LEU B 78 -2.23 -16.46 -6.87
N GLY B 79 -3.37 -17.07 -6.62
CA GLY B 79 -4.33 -17.41 -7.66
C GLY B 79 -3.95 -18.54 -8.60
N VAL B 80 -3.11 -19.51 -8.12
CA VAL B 80 -2.68 -20.64 -8.95
C VAL B 80 -3.85 -21.60 -9.19
N ASP B 81 -4.09 -21.91 -10.46
CA ASP B 81 -5.18 -22.80 -10.84
C ASP B 81 -4.74 -24.23 -11.08
N ILE B 82 -3.55 -24.39 -11.66
CA ILE B 82 -3.01 -25.67 -12.11
C ILE B 82 -1.49 -25.60 -12.11
N ALA B 83 -0.83 -26.75 -12.08
CA ALA B 83 0.62 -26.80 -12.11
C ALA B 83 1.10 -27.36 -13.43
N ALA B 84 2.27 -26.88 -13.91
CA ALA B 84 2.83 -27.38 -15.16
C ALA B 84 3.62 -28.66 -14.94
N ASN B 85 3.08 -29.80 -15.43
CA ASN B 85 3.73 -31.11 -15.46
C ASN B 85 4.16 -31.67 -14.12
N THR B 86 3.36 -31.41 -13.10
CA THR B 86 3.55 -31.92 -11.76
C THR B 86 2.21 -31.89 -11.01
N VAL B 87 2.15 -32.58 -9.87
CA VAL B 87 0.99 -32.55 -9.01
C VAL B 87 1.46 -31.98 -7.69
N ILE B 88 0.85 -30.87 -7.25
CA ILE B 88 1.12 -30.35 -5.92
C ILE B 88 0.09 -31.07 -5.03
N TRP B 89 0.56 -31.97 -4.15
CA TRP B 89 -0.32 -32.71 -3.27
C TRP B 89 -0.57 -31.90 -2.03
N ASP B 90 -1.84 -31.72 -1.71
CA ASP B 90 -2.29 -30.98 -0.57
C ASP B 90 -2.44 -32.01 0.57
N TYR B 91 -1.44 -32.07 1.45
CA TYR B 91 -1.43 -33.03 2.55
C TYR B 91 -2.43 -32.70 3.64
N LYS B 92 -2.86 -31.44 3.76
CA LYS B 92 -3.87 -31.08 4.75
C LYS B 92 -5.25 -31.59 4.32
N ARG B 93 -5.53 -31.64 3.03
CA ARG B 93 -6.78 -32.20 2.52
C ARG B 93 -6.65 -33.66 2.05
N ASP B 94 -5.43 -34.24 2.01
CA ASP B 94 -5.14 -35.58 1.46
C ASP B 94 -5.67 -35.66 0.03
N ALA B 95 -5.41 -34.64 -0.75
CA ALA B 95 -5.95 -34.54 -2.11
C ALA B 95 -5.09 -33.67 -2.99
N PRO B 96 -5.26 -33.74 -4.33
CA PRO B 96 -4.50 -32.81 -5.20
C PRO B 96 -4.90 -31.35 -4.91
N ALA B 97 -3.92 -30.44 -4.83
CA ALA B 97 -4.21 -29.03 -4.60
C ALA B 97 -5.04 -28.39 -5.72
N HIS B 98 -4.94 -28.93 -6.94
CA HIS B 98 -5.62 -28.41 -8.12
C HIS B 98 -6.52 -29.46 -8.76
N ILE B 99 -7.61 -29.04 -9.40
CA ILE B 99 -8.59 -29.91 -10.03
C ILE B 99 -8.02 -30.69 -11.21
N SER B 100 -7.31 -29.99 -12.10
CA SER B 100 -6.80 -30.53 -13.34
C SER B 100 -5.30 -30.59 -13.37
N THR B 101 -4.77 -31.31 -14.36
CA THR B 101 -3.33 -31.44 -14.54
C THR B 101 -2.91 -31.05 -15.98
N ILE B 102 -1.59 -30.88 -16.17
CA ILE B 102 -0.96 -30.63 -17.45
C ILE B 102 0.16 -31.65 -17.55
N GLY B 103 0.07 -32.56 -18.52
CA GLY B 103 1.09 -33.60 -18.73
C GLY B 103 1.35 -34.55 -17.57
N VAL B 104 0.31 -34.91 -16.81
CA VAL B 104 0.45 -35.80 -15.66
C VAL B 104 -0.37 -37.10 -15.76
N CYS B 105 -1.67 -37.01 -15.97
CA CYS B 105 -2.56 -38.16 -15.91
C CYS B 105 -3.63 -37.99 -16.99
N SER B 106 -3.89 -39.03 -17.79
CA SER B 106 -4.85 -38.96 -18.89
C SER B 106 -6.28 -38.61 -18.46
N MET B 107 -6.65 -38.94 -17.22
CA MET B 107 -7.99 -38.66 -16.72
C MET B 107 -8.17 -37.20 -16.29
N THR B 108 -7.13 -36.56 -15.75
CA THR B 108 -7.24 -35.20 -15.24
C THR B 108 -6.62 -34.12 -16.14
N ASP B 109 -5.80 -34.53 -17.12
CA ASP B 109 -5.13 -33.60 -18.05
C ASP B 109 -6.05 -32.81 -18.90
N ILE B 110 -5.86 -31.49 -18.90
CA ILE B 110 -6.55 -30.61 -19.83
C ILE B 110 -5.65 -30.32 -21.06
N ALA B 111 -4.34 -30.60 -20.95
CA ALA B 111 -3.28 -30.39 -21.91
C ALA B 111 -2.08 -31.27 -21.51
N LYS B 112 -1.17 -31.51 -22.46
CA LYS B 112 0.10 -32.20 -22.21
C LYS B 112 1.21 -31.14 -21.92
N LYS B 113 1.13 -29.97 -22.55
CA LYS B 113 2.09 -28.89 -22.36
C LYS B 113 1.37 -27.61 -21.96
N PRO B 114 1.96 -26.80 -21.05
CA PRO B 114 1.29 -25.56 -20.65
C PRO B 114 1.18 -24.51 -21.77
N THR B 115 1.84 -24.73 -22.92
CA THR B 115 1.74 -23.84 -24.07
C THR B 115 0.45 -24.03 -24.87
N GLU B 116 -0.36 -25.05 -24.55
CA GLU B 116 -1.64 -25.29 -25.22
C GLU B 116 -2.61 -24.16 -24.87
N THR B 117 -3.46 -23.73 -25.83
CA THR B 117 -4.31 -22.58 -25.64
C THR B 117 -5.28 -22.72 -24.47
N ILE B 118 -5.64 -23.96 -24.04
CA ILE B 118 -6.52 -24.17 -22.89
C ILE B 118 -5.90 -23.57 -21.60
N CYS B 119 -4.57 -23.55 -21.50
CA CYS B 119 -3.86 -23.08 -20.32
C CYS B 119 -3.65 -21.58 -20.27
N ALA B 120 -3.70 -20.90 -21.44
CA ALA B 120 -3.49 -19.46 -21.50
C ALA B 120 -4.30 -18.64 -20.46
N PRO B 121 -5.63 -18.87 -20.25
CA PRO B 121 -6.34 -18.07 -19.22
C PRO B 121 -6.08 -18.49 -17.76
N LEU B 122 -5.54 -19.71 -17.55
CA LEU B 122 -5.30 -20.23 -16.21
C LEU B 122 -3.97 -19.77 -15.66
N THR B 123 -3.88 -19.51 -14.36
CA THR B 123 -2.62 -19.14 -13.74
C THR B 123 -1.86 -20.44 -13.47
N VAL B 124 -0.92 -20.76 -14.38
CA VAL B 124 -0.14 -21.99 -14.33
C VAL B 124 1.07 -21.83 -13.39
N PHE B 125 1.33 -22.83 -12.53
CA PHE B 125 2.48 -22.78 -11.65
C PHE B 125 3.67 -23.37 -12.38
N PHE B 126 4.79 -22.64 -12.40
CA PHE B 126 6.04 -23.01 -13.05
C PHE B 126 7.14 -23.07 -12.01
N ASP B 127 7.94 -24.13 -12.08
CA ASP B 127 9.04 -24.43 -11.17
C ASP B 127 10.35 -24.25 -11.96
N GLY B 128 11.02 -23.15 -11.70
CA GLY B 128 12.28 -22.80 -12.34
C GLY B 128 13.39 -23.79 -12.12
N ARG B 129 13.22 -24.73 -11.18
CA ARG B 129 14.22 -25.75 -10.92
C ARG B 129 14.16 -26.89 -11.97
N VAL B 130 13.06 -26.99 -12.71
CA VAL B 130 12.86 -27.94 -13.79
C VAL B 130 13.27 -27.22 -15.08
N ASP B 131 14.05 -27.91 -15.92
CA ASP B 131 14.53 -27.40 -17.17
C ASP B 131 13.41 -26.85 -18.07
N GLY B 132 13.63 -25.66 -18.62
CA GLY B 132 12.69 -25.01 -19.51
C GLY B 132 11.48 -24.32 -18.90
N GLN B 133 11.28 -24.43 -17.56
CA GLN B 133 10.09 -23.83 -16.95
C GLN B 133 10.18 -22.33 -16.80
N VAL B 134 11.40 -21.76 -16.59
CA VAL B 134 11.54 -20.29 -16.55
C VAL B 134 11.14 -19.70 -17.92
N ASP B 135 11.56 -20.37 -19.01
CA ASP B 135 11.20 -19.95 -20.38
C ASP B 135 9.70 -20.12 -20.67
N LEU B 136 9.09 -21.21 -20.19
CA LEU B 136 7.65 -21.43 -20.35
C LEU B 136 6.84 -20.33 -19.64
N PHE B 137 7.32 -19.86 -18.47
CA PHE B 137 6.69 -18.77 -17.73
C PHE B 137 6.86 -17.46 -18.55
N ARG B 138 8.04 -17.24 -19.16
CA ARG B 138 8.30 -16.06 -20.00
C ARG B 138 7.32 -15.99 -21.18
N ASN B 139 6.93 -17.15 -21.71
N ASN B 139 6.91 -17.14 -21.72
CA ASN B 139 6.00 -17.23 -22.84
CA ASN B 139 5.98 -17.21 -22.84
C ASN B 139 4.53 -17.47 -22.43
C ASN B 139 4.50 -17.27 -22.39
N ALA B 140 4.24 -17.64 -21.12
CA ALA B 140 2.88 -17.82 -20.62
C ALA B 140 2.12 -16.52 -20.39
N ARG B 141 0.81 -16.56 -20.65
CA ARG B 141 -0.04 -15.38 -20.45
C ARG B 141 -0.25 -15.18 -18.94
N ASN B 142 -0.60 -16.26 -18.24
CA ASN B 142 -0.87 -16.22 -16.80
C ASN B 142 -0.07 -17.31 -16.13
N GLY B 143 0.57 -16.94 -15.03
CA GLY B 143 1.38 -17.90 -14.32
C GLY B 143 2.12 -17.38 -13.11
N VAL B 144 2.64 -18.31 -12.32
CA VAL B 144 3.43 -18.01 -11.15
C VAL B 144 4.70 -18.83 -11.28
N LEU B 145 5.84 -18.19 -11.10
CA LEU B 145 7.12 -18.83 -11.22
C LEU B 145 7.85 -18.81 -9.90
N ILE B 146 8.50 -19.94 -9.56
CA ILE B 146 9.41 -20.00 -8.44
C ILE B 146 10.84 -20.30 -8.94
N THR B 147 11.83 -19.66 -8.35
CA THR B 147 13.22 -19.92 -8.69
C THR B 147 14.04 -19.93 -7.40
N GLU B 148 15.22 -20.53 -7.45
CA GLU B 148 16.16 -20.53 -6.35
C GLU B 148 17.11 -19.32 -6.43
N GLY B 149 17.31 -18.77 -7.62
CA GLY B 149 18.18 -17.62 -7.84
C GLY B 149 17.57 -16.57 -8.76
N SER B 150 18.41 -15.64 -9.23
CA SER B 150 17.96 -14.54 -10.08
C SER B 150 17.57 -14.94 -11.50
N VAL B 151 16.58 -14.25 -12.07
CA VAL B 151 16.11 -14.44 -13.44
C VAL B 151 16.38 -13.12 -14.17
N LYS B 152 17.06 -13.18 -15.33
CA LYS B 152 17.40 -11.98 -16.10
C LYS B 152 16.16 -11.18 -16.48
N GLY B 153 16.17 -9.89 -16.14
CA GLY B 153 15.08 -8.98 -16.46
C GLY B 153 13.94 -8.94 -15.46
N LEU B 154 13.66 -10.05 -14.80
CA LEU B 154 12.58 -10.12 -13.84
C LEU B 154 13.01 -9.74 -12.43
N GLN B 155 12.28 -8.80 -11.82
CA GLN B 155 12.53 -8.40 -10.44
C GLN B 155 11.82 -9.40 -9.53
N PRO B 156 12.55 -9.95 -8.54
CA PRO B 156 11.97 -11.00 -7.72
C PRO B 156 11.21 -10.55 -6.49
N SER B 157 10.38 -11.43 -5.99
CA SER B 157 9.69 -11.23 -4.73
C SER B 157 10.23 -12.37 -3.85
N VAL B 158 10.89 -12.04 -2.74
CA VAL B 158 11.42 -13.07 -1.85
C VAL B 158 10.27 -13.71 -1.11
N GLY B 159 10.07 -14.99 -1.32
CA GLY B 159 8.99 -15.72 -0.68
C GLY B 159 9.33 -16.10 0.75
N PRO B 160 8.47 -16.92 1.36
CA PRO B 160 8.75 -17.35 2.74
C PRO B 160 10.00 -18.24 2.84
N LYS B 161 10.60 -18.28 4.03
CA LYS B 161 11.77 -19.12 4.28
C LYS B 161 11.44 -20.61 4.15
N GLN B 162 10.20 -20.98 4.51
CA GLN B 162 9.75 -22.36 4.52
C GLN B 162 9.01 -22.81 3.26
N ALA B 163 9.08 -24.12 3.02
CA ALA B 163 8.40 -24.81 1.96
C ALA B 163 7.92 -26.18 2.50
N SER B 164 7.04 -26.84 1.75
CA SER B 164 6.51 -28.13 2.11
C SER B 164 7.27 -29.24 1.33
N LEU B 165 7.92 -30.14 2.06
CA LEU B 165 8.59 -31.28 1.45
C LEU B 165 7.89 -32.55 1.92
N ASN B 166 7.12 -33.19 1.02
CA ASN B 166 6.36 -34.40 1.35
C ASN B 166 5.42 -34.20 2.53
N GLY B 167 4.82 -33.02 2.59
CA GLY B 167 3.88 -32.65 3.63
C GLY B 167 4.51 -32.15 4.91
N VAL B 168 5.83 -32.02 4.95
CA VAL B 168 6.51 -31.50 6.13
C VAL B 168 6.94 -30.08 5.80
N THR B 169 6.42 -29.11 6.54
CA THR B 169 6.78 -27.73 6.33
C THR B 169 8.07 -27.50 7.07
N LEU B 170 9.08 -26.99 6.37
CA LEU B 170 10.39 -26.80 6.96
C LEU B 170 11.18 -25.69 6.27
N ILE B 171 12.16 -25.17 6.99
CA ILE B 171 13.10 -24.22 6.48
C ILE B 171 14.31 -25.10 6.18
N GLY B 172 14.59 -25.26 4.90
CA GLY B 172 15.62 -26.15 4.40
C GLY B 172 17.03 -25.83 4.80
N GLU B 173 17.78 -26.87 5.15
CA GLU B 173 19.20 -26.78 5.46
C GLU B 173 19.96 -27.61 4.42
N ALA B 174 19.48 -28.81 4.10
CA ALA B 174 20.10 -29.64 3.07
C ALA B 174 19.50 -29.37 1.66
N VAL B 175 18.38 -28.63 1.59
CA VAL B 175 17.63 -28.28 0.39
C VAL B 175 17.24 -26.82 0.49
N LYS B 176 16.99 -26.18 -0.66
CA LYS B 176 16.56 -24.78 -0.66
C LYS B 176 15.04 -24.76 -0.59
N THR B 177 14.49 -23.99 0.35
CA THR B 177 13.04 -23.84 0.53
C THR B 177 12.57 -22.38 0.32
N GLN B 178 13.50 -21.39 0.28
CA GLN B 178 13.13 -19.99 0.05
C GLN B 178 13.24 -19.66 -1.42
N PHE B 179 12.09 -19.42 -2.06
CA PHE B 179 12.06 -19.17 -3.49
C PHE B 179 11.82 -17.71 -3.80
N ASN B 180 12.19 -17.33 -5.02
CA ASN B 180 11.86 -16.06 -5.59
C ASN B 180 10.54 -16.35 -6.30
N TYR B 181 9.60 -15.42 -6.18
CA TYR B 181 8.29 -15.54 -6.78
C TYR B 181 8.12 -14.50 -7.85
N TYR B 182 7.49 -14.92 -8.93
CA TYR B 182 7.18 -14.08 -10.07
C TYR B 182 5.75 -14.40 -10.49
N LYS B 183 5.04 -13.42 -11.02
CA LYS B 183 3.64 -13.62 -11.42
C LYS B 183 3.34 -12.79 -12.64
N LYS B 184 2.56 -13.36 -13.55
CA LYS B 184 2.13 -12.67 -14.74
C LYS B 184 0.64 -12.78 -14.84
N VAL B 185 -0.01 -11.65 -15.11
CA VAL B 185 -1.45 -11.57 -15.34
C VAL B 185 -1.56 -10.95 -16.73
N ASP B 186 -2.20 -11.68 -17.67
CA ASP B 186 -2.42 -11.29 -19.07
C ASP B 186 -1.16 -10.83 -19.82
N GLY B 187 -0.07 -11.57 -19.62
CA GLY B 187 1.21 -11.35 -20.28
C GLY B 187 2.09 -10.29 -19.64
N VAL B 188 1.62 -9.67 -18.55
CA VAL B 188 2.36 -8.59 -17.90
C VAL B 188 2.91 -9.05 -16.57
N VAL B 189 4.24 -8.95 -16.38
CA VAL B 189 4.88 -9.27 -15.12
C VAL B 189 4.38 -8.31 -14.06
N GLN B 190 3.78 -8.86 -13.03
CA GLN B 190 3.23 -8.10 -11.94
C GLN B 190 4.30 -7.69 -10.95
N GLN B 191 4.00 -6.64 -10.19
CA GLN B 191 4.83 -6.25 -9.07
C GLN B 191 4.08 -6.90 -7.89
N LEU B 192 4.66 -7.94 -7.30
CA LEU B 192 4.02 -8.60 -6.16
C LEU B 192 4.11 -7.66 -4.99
N PRO B 193 3.07 -7.59 -4.14
CA PRO B 193 3.10 -6.60 -3.07
C PRO B 193 4.05 -6.95 -1.94
N GLU B 194 4.39 -5.94 -1.11
CA GLU B 194 5.12 -6.10 0.15
C GLU B 194 4.21 -6.98 1.03
N THR B 195 4.77 -8.01 1.66
CA THR B 195 3.97 -8.92 2.42
C THR B 195 4.66 -9.44 3.63
N TYR B 196 3.87 -9.76 4.64
CA TYR B 196 4.36 -10.50 5.78
C TYR B 196 4.12 -11.97 5.40
N PHE B 197 4.75 -12.89 6.10
CA PHE B 197 4.49 -14.31 5.88
C PHE B 197 4.10 -14.97 7.17
N THR B 198 3.15 -15.90 7.10
CA THR B 198 2.84 -16.73 8.26
C THR B 198 4.01 -17.71 8.43
N GLN B 199 4.26 -18.13 9.68
CA GLN B 199 5.39 -18.97 10.03
C GLN B 199 5.13 -20.47 9.91
N SER B 200 3.88 -20.90 9.69
CA SER B 200 3.49 -22.29 9.48
C SER B 200 3.94 -23.29 10.57
N ARG B 201 3.94 -22.86 11.83
CA ARG B 201 4.34 -23.72 12.93
C ARG B 201 3.20 -24.57 13.48
N ASN B 202 3.56 -25.62 14.26
CA ASN B 202 2.63 -26.53 14.92
C ASN B 202 2.52 -26.12 16.37
N LEU B 203 1.41 -26.46 16.98
CA LEU B 203 1.18 -26.20 18.38
C LEU B 203 2.08 -27.10 19.26
N GLN B 204 2.16 -28.40 18.90
CA GLN B 204 2.92 -29.40 19.65
C GLN B 204 4.41 -29.16 19.59
N GLU B 205 4.93 -28.76 18.42
CA GLU B 205 6.36 -28.56 18.26
C GLU B 205 6.73 -27.11 17.95
N PHE B 206 6.09 -26.16 18.65
CA PHE B 206 6.34 -24.76 18.41
C PHE B 206 7.75 -24.28 18.81
N LYS B 207 8.46 -23.64 17.89
CA LYS B 207 9.78 -23.11 18.17
C LYS B 207 9.83 -21.60 17.96
N PRO B 208 10.33 -20.85 18.96
CA PRO B 208 10.43 -19.40 18.80
C PRO B 208 11.47 -19.02 17.74
N ARG B 209 11.19 -18.00 16.93
CA ARG B 209 12.10 -17.60 15.85
C ARG B 209 12.63 -16.18 16.01
N SER B 210 12.66 -15.67 17.25
CA SER B 210 13.19 -14.35 17.56
C SER B 210 13.36 -14.20 19.08
N GLN B 211 14.12 -13.20 19.52
CA GLN B 211 14.30 -12.96 20.94
C GLN B 211 12.97 -12.56 21.60
N MET B 212 12.08 -11.88 20.86
CA MET B 212 10.77 -11.51 21.39
C MET B 212 9.93 -12.76 21.66
N GLU B 213 9.98 -13.74 20.74
CA GLU B 213 9.24 -14.99 20.88
C GLU B 213 9.78 -15.85 22.01
N ILE B 214 11.11 -15.83 22.22
CA ILE B 214 11.76 -16.55 23.32
C ILE B 214 11.31 -15.93 24.65
N ASP B 215 11.24 -14.59 24.71
CA ASP B 215 10.79 -13.87 25.89
C ASP B 215 9.30 -14.05 26.16
N PHE B 216 8.49 -14.22 25.09
CA PHE B 216 7.05 -14.42 25.27
C PHE B 216 6.80 -15.77 25.95
N LEU B 217 7.51 -16.81 25.50
CA LEU B 217 7.37 -18.15 26.04
C LEU B 217 8.02 -18.29 27.44
N GLU B 218 9.19 -17.67 27.68
CA GLU B 218 9.86 -17.82 28.97
C GLU B 218 9.37 -16.83 30.05
N LEU B 219 9.05 -15.57 29.70
CA LEU B 219 8.60 -14.60 30.71
C LEU B 219 7.12 -14.70 31.12
N ALA B 220 6.75 -14.10 32.25
CA ALA B 220 5.36 -14.01 32.69
C ALA B 220 4.68 -12.91 31.89
N MET B 221 3.35 -12.96 31.77
CA MET B 221 2.59 -12.01 30.97
C MET B 221 2.92 -10.53 31.24
N ASP B 222 2.90 -10.12 32.50
CA ASP B 222 3.12 -8.73 32.86
C ASP B 222 4.54 -8.25 32.62
N GLU B 223 5.57 -9.11 32.83
CA GLU B 223 6.94 -8.67 32.58
C GLU B 223 7.27 -8.66 31.08
N PHE B 224 6.59 -9.49 30.25
CA PHE B 224 6.81 -9.43 28.81
C PHE B 224 6.21 -8.13 28.25
N ILE B 225 4.96 -7.84 28.63
CA ILE B 225 4.26 -6.63 28.21
C ILE B 225 5.02 -5.37 28.67
N GLU B 226 5.71 -5.45 29.81
CA GLU B 226 6.50 -4.33 30.31
C GLU B 226 7.78 -4.19 29.50
N ARG B 227 8.54 -5.30 29.33
CA ARG B 227 9.81 -5.30 28.57
C ARG B 227 9.67 -4.78 27.14
N TYR B 228 8.54 -5.11 26.49
CA TYR B 228 8.33 -4.71 25.09
C TYR B 228 7.41 -3.50 24.90
N LYS B 229 7.07 -2.80 26.00
CA LYS B 229 6.24 -1.59 25.99
C LYS B 229 4.91 -1.82 25.27
N LEU B 230 4.23 -2.92 25.62
CA LEU B 230 2.97 -3.29 24.99
C LEU B 230 1.73 -2.92 25.78
N GLU B 231 1.87 -2.07 26.82
CA GLU B 231 0.72 -1.62 27.60
C GLU B 231 -0.27 -0.84 26.72
N GLY B 232 -1.55 -1.19 26.82
CA GLY B 232 -2.60 -0.57 26.04
C GLY B 232 -2.85 -1.23 24.70
N TYR B 233 -2.09 -2.28 24.36
CA TYR B 233 -2.25 -3.00 23.10
C TYR B 233 -3.05 -4.30 23.20
N ALA B 234 -3.67 -4.56 24.37
CA ALA B 234 -4.54 -5.69 24.67
C ALA B 234 -3.93 -7.08 24.39
N PHE B 235 -2.63 -7.27 24.63
CA PHE B 235 -1.99 -8.56 24.42
C PHE B 235 -2.52 -9.61 25.38
N GLU B 236 -2.96 -9.18 26.59
CA GLU B 236 -3.57 -10.03 27.62
C GLU B 236 -4.78 -10.76 27.03
N HIS B 237 -5.60 -10.02 26.25
CA HIS B 237 -6.77 -10.57 25.57
C HIS B 237 -6.38 -11.26 24.23
N ILE B 238 -5.79 -10.51 23.27
CA ILE B 238 -5.44 -10.95 21.92
C ILE B 238 -4.47 -12.12 21.84
N VAL B 239 -3.32 -12.03 22.54
CA VAL B 239 -2.27 -13.03 22.41
C VAL B 239 -2.32 -14.09 23.50
N TYR B 240 -2.39 -13.67 24.77
CA TYR B 240 -2.42 -14.62 25.88
C TYR B 240 -3.74 -15.37 26.01
N GLY B 241 -4.83 -14.69 25.70
CA GLY B 241 -6.15 -15.28 25.81
C GLY B 241 -6.76 -15.07 27.18
N ASP B 242 -8.06 -14.89 27.21
CA ASP B 242 -8.82 -14.69 28.43
C ASP B 242 -9.69 -15.92 28.60
N PHE B 243 -9.45 -16.70 29.65
CA PHE B 243 -10.21 -17.91 29.90
C PHE B 243 -11.10 -17.80 31.13
N SER B 244 -11.46 -16.58 31.54
CA SER B 244 -12.26 -16.35 32.74
C SER B 244 -13.76 -16.39 32.52
N HIS B 245 -14.24 -16.18 31.29
CA HIS B 245 -15.67 -16.22 31.00
C HIS B 245 -16.02 -17.44 30.15
N SER B 246 -17.34 -17.73 29.98
CA SER B 246 -17.77 -18.86 29.16
C SER B 246 -17.26 -18.74 27.73
N GLN B 247 -17.24 -17.50 27.19
CA GLN B 247 -16.66 -17.28 25.88
C GLN B 247 -15.18 -16.92 26.05
N LEU B 248 -14.31 -17.75 25.46
CA LEU B 248 -12.86 -17.59 25.44
C LEU B 248 -12.56 -16.29 24.71
N GLY B 249 -11.79 -15.45 25.37
CA GLY B 249 -11.43 -14.15 24.85
C GLY B 249 -10.11 -14.15 24.11
N GLY B 250 -10.12 -13.52 22.94
CA GLY B 250 -8.94 -13.38 22.11
C GLY B 250 -8.33 -14.69 21.67
N LEU B 251 -7.02 -14.83 21.90
CA LEU B 251 -6.23 -16.01 21.56
C LEU B 251 -6.19 -16.21 20.02
N HIS B 252 -5.63 -15.22 19.32
CA HIS B 252 -5.58 -15.24 17.86
C HIS B 252 -4.21 -15.45 17.25
N LEU B 253 -3.15 -15.49 18.08
CA LEU B 253 -1.79 -15.71 17.59
C LEU B 253 -1.38 -17.09 18.01
N LEU B 254 -0.86 -17.90 17.08
CA LEU B 254 -0.43 -19.27 17.39
C LEU B 254 0.54 -19.37 18.58
N ILE B 255 1.48 -18.41 18.72
CA ILE B 255 2.40 -18.39 19.85
C ILE B 255 1.66 -18.36 21.22
N GLY B 256 0.52 -17.68 21.29
CA GLY B 256 -0.28 -17.61 22.50
C GLY B 256 -0.92 -18.95 22.82
N LEU B 257 -1.38 -19.66 21.79
CA LEU B 257 -1.94 -20.99 21.94
C LEU B 257 -0.82 -21.95 22.36
N ALA B 258 0.40 -21.78 21.82
CA ALA B 258 1.54 -22.63 22.16
C ALA B 258 1.92 -22.45 23.60
N LYS B 259 1.91 -21.20 24.10
CA LYS B 259 2.24 -20.92 25.50
C LYS B 259 1.20 -21.57 26.44
N ARG B 260 -0.09 -21.46 26.08
CA ARG B 260 -1.19 -22.02 26.87
C ARG B 260 -1.09 -23.55 26.90
N PHE B 261 -0.79 -24.15 25.74
CA PHE B 261 -0.67 -25.58 25.54
C PHE B 261 0.39 -26.24 26.43
N LYS B 262 1.45 -25.50 26.77
CA LYS B 262 2.49 -26.03 27.66
C LYS B 262 1.91 -26.23 29.07
N GLU B 263 1.06 -25.31 29.53
CA GLU B 263 0.43 -25.38 30.84
C GLU B 263 -0.75 -26.37 30.87
N SER B 264 -1.73 -26.21 29.97
CA SER B 264 -2.89 -27.09 29.94
C SER B 264 -3.41 -27.35 28.53
N PRO B 265 -4.01 -28.52 28.27
CA PRO B 265 -4.46 -28.84 26.91
C PRO B 265 -5.79 -28.20 26.53
N PHE B 266 -6.13 -28.24 25.24
CA PHE B 266 -7.39 -27.73 24.75
C PHE B 266 -7.76 -28.38 23.43
N GLU B 267 -9.06 -28.44 23.11
CA GLU B 267 -9.50 -29.02 21.85
C GLU B 267 -9.50 -27.92 20.80
N LEU B 268 -8.86 -28.15 19.65
CA LEU B 268 -8.89 -27.21 18.54
C LEU B 268 -9.63 -27.91 17.43
N GLU B 269 -10.90 -27.60 17.22
CA GLU B 269 -11.65 -28.23 16.15
C GLU B 269 -11.45 -27.48 14.82
N ASP B 270 -10.77 -28.14 13.87
CA ASP B 270 -10.49 -27.61 12.55
C ASP B 270 -11.70 -27.92 11.65
N PHE B 271 -12.77 -27.11 11.73
CA PHE B 271 -14.01 -27.38 11.01
C PHE B 271 -13.96 -27.13 9.47
N ILE B 272 -12.92 -26.45 8.97
CA ILE B 272 -12.69 -26.31 7.53
C ILE B 272 -11.26 -26.75 7.32
N PRO B 273 -10.99 -28.07 7.26
CA PRO B 273 -9.60 -28.53 7.18
C PRO B 273 -8.92 -28.33 5.82
N MET B 274 -8.19 -27.24 5.74
CA MET B 274 -7.44 -26.85 4.55
C MET B 274 -6.35 -25.87 4.93
N ASP B 275 -5.31 -25.78 4.12
CA ASP B 275 -4.23 -24.82 4.34
C ASP B 275 -4.76 -23.40 4.06
N SER B 276 -4.65 -22.51 5.04
CA SER B 276 -4.99 -21.11 4.84
C SER B 276 -4.20 -20.20 5.78
N THR B 277 -3.95 -18.96 5.33
CA THR B 277 -3.22 -17.91 6.06
C THR B 277 -3.82 -17.71 7.43
N VAL B 278 -5.14 -17.61 7.48
CA VAL B 278 -5.85 -17.53 8.73
C VAL B 278 -6.64 -18.83 8.92
N LYS B 279 -6.53 -19.45 10.08
CA LYS B 279 -7.27 -20.67 10.39
C LYS B 279 -8.41 -20.39 11.36
N ASN B 280 -9.53 -21.11 11.25
CA ASN B 280 -10.65 -20.94 12.18
C ASN B 280 -10.82 -22.21 12.97
N TYR B 281 -10.82 -22.11 14.30
CA TYR B 281 -11.01 -23.28 15.17
C TYR B 281 -12.12 -23.10 16.14
N PHE B 282 -12.85 -24.18 16.41
CA PHE B 282 -13.84 -24.19 17.48
C PHE B 282 -13.00 -24.66 18.65
N ILE B 283 -12.59 -23.74 19.55
CA ILE B 283 -11.70 -24.11 20.66
C ILE B 283 -12.43 -24.34 22.01
N THR B 284 -12.01 -25.36 22.78
CA THR B 284 -12.56 -25.64 24.09
C THR B 284 -11.37 -25.78 25.02
N ASP B 285 -11.23 -24.89 26.01
CA ASP B 285 -10.13 -24.96 26.95
C ASP B 285 -10.48 -26.03 28.01
N ALA B 286 -9.65 -27.07 28.15
CA ALA B 286 -9.93 -28.17 29.07
C ALA B 286 -9.85 -27.79 30.54
N GLN B 287 -8.95 -26.89 30.90
CA GLN B 287 -8.79 -26.49 32.28
C GLN B 287 -9.99 -25.68 32.82
N THR B 288 -10.48 -24.74 32.03
CA THR B 288 -11.53 -23.84 32.49
C THR B 288 -12.92 -24.09 31.93
N GLY B 289 -13.01 -24.66 30.74
CA GLY B 289 -14.30 -24.80 30.07
C GLY B 289 -14.65 -23.56 29.27
N SER B 290 -13.72 -22.60 29.15
CA SER B 290 -13.90 -21.40 28.34
C SER B 290 -13.84 -21.89 26.88
N SER B 291 -14.79 -21.47 26.03
CA SER B 291 -14.82 -21.94 24.64
C SER B 291 -15.20 -20.84 23.62
N LYS B 292 -14.92 -21.07 22.34
CA LYS B 292 -15.29 -20.13 21.29
C LYS B 292 -15.51 -20.91 20.00
N CYS B 293 -16.71 -20.76 19.39
CA CYS B 293 -17.06 -21.46 18.14
C CYS B 293 -16.13 -21.18 17.00
N VAL B 294 -15.79 -19.91 16.81
CA VAL B 294 -14.94 -19.48 15.71
C VAL B 294 -13.81 -18.64 16.26
N CYS B 295 -12.66 -19.27 16.49
CA CYS B 295 -11.49 -18.58 16.98
C CYS B 295 -10.48 -18.53 15.85
N SER B 296 -10.37 -17.36 15.22
CA SER B 296 -9.43 -17.17 14.14
C SER B 296 -8.01 -17.11 14.67
N VAL B 297 -7.12 -17.89 14.09
CA VAL B 297 -5.74 -17.98 14.52
C VAL B 297 -4.82 -17.77 13.33
N ILE B 298 -3.84 -16.95 13.54
CA ILE B 298 -2.81 -16.71 12.56
C ILE B 298 -1.45 -16.98 13.21
N ASP B 299 -0.54 -17.59 12.45
CA ASP B 299 0.79 -17.79 12.98
C ASP B 299 1.70 -16.73 12.38
N LEU B 300 1.78 -15.57 13.02
CA LEU B 300 2.68 -14.52 12.58
C LEU B 300 3.85 -14.54 13.55
N LEU B 301 5.06 -14.13 13.10
CA LEU B 301 6.20 -13.95 14.01
C LEU B 301 5.79 -12.83 14.98
N LEU B 302 5.93 -13.03 16.30
CA LEU B 302 5.42 -12.06 17.27
C LEU B 302 5.86 -10.61 17.00
N ASP B 303 7.08 -10.44 16.48
CA ASP B 303 7.63 -9.14 16.13
C ASP B 303 6.82 -8.49 15.02
N ASP B 304 6.39 -9.30 14.02
CA ASP B 304 5.58 -8.86 12.90
C ASP B 304 4.19 -8.43 13.37
N PHE B 305 3.59 -9.19 14.29
CA PHE B 305 2.28 -8.87 14.85
C PHE B 305 2.35 -7.58 15.67
N VAL B 306 3.43 -7.42 16.47
CA VAL B 306 3.67 -6.22 17.28
C VAL B 306 3.81 -5.02 16.33
N GLU B 307 4.58 -5.17 15.23
CA GLU B 307 4.74 -4.12 14.23
C GLU B 307 3.39 -3.72 13.60
N ILE B 308 2.56 -4.71 13.24
CA ILE B 308 1.25 -4.43 12.66
C ILE B 308 0.36 -3.66 13.63
N ILE B 309 0.23 -4.12 14.88
CA ILE B 309 -0.67 -3.49 15.85
C ILE B 309 -0.16 -2.11 16.25
N LYS B 310 1.17 -1.94 16.40
CA LYS B 310 1.74 -0.65 16.75
C LYS B 310 1.70 0.37 15.61
N SER B 311 1.38 -0.07 14.37
CA SER B 311 1.28 0.81 13.22
C SER B 311 -0.17 1.22 12.91
N GLN B 312 -1.09 1.03 13.85
CA GLN B 312 -2.49 1.37 13.64
C GLN B 312 -2.94 2.62 14.38
N ASP B 313 -3.90 3.32 13.79
CA ASP B 313 -4.52 4.47 14.44
C ASP B 313 -5.50 3.89 15.45
N LEU B 314 -5.39 4.31 16.73
CA LEU B 314 -6.24 3.77 17.79
C LEU B 314 -7.35 4.73 18.22
N SER B 315 -7.82 5.60 17.30
CA SER B 315 -8.81 6.60 17.67
C SER B 315 -10.27 6.27 17.30
N VAL B 316 -10.55 5.10 16.70
CA VAL B 316 -11.94 4.77 16.31
C VAL B 316 -12.46 3.51 17.01
N VAL B 317 -13.77 3.44 17.32
CA VAL B 317 -14.38 2.29 17.98
C VAL B 317 -14.15 0.98 17.20
N SER B 318 -14.62 0.86 15.96
CA SER B 318 -14.43 -0.34 15.16
C SER B 318 -13.92 0.03 13.78
N LYS B 319 -13.01 -0.78 13.24
CA LYS B 319 -12.38 -0.46 11.96
C LYS B 319 -11.76 -1.71 11.33
N VAL B 320 -11.79 -1.81 9.99
CA VAL B 320 -11.17 -2.90 9.27
C VAL B 320 -9.74 -2.48 8.93
N VAL B 321 -8.77 -3.30 9.30
CA VAL B 321 -7.36 -3.09 9.05
C VAL B 321 -6.95 -4.17 8.05
N LYS B 322 -6.51 -3.79 6.86
CA LYS B 322 -6.10 -4.74 5.83
C LYS B 322 -4.57 -4.92 5.91
N VAL B 323 -4.09 -6.18 5.95
CA VAL B 323 -2.66 -6.48 6.02
C VAL B 323 -2.31 -7.53 4.96
N THR B 324 -1.32 -7.25 4.10
CA THR B 324 -0.89 -8.24 3.11
C THR B 324 -0.07 -9.30 3.83
N ILE B 325 -0.57 -10.55 3.84
CA ILE B 325 0.07 -11.67 4.49
C ILE B 325 -0.01 -12.84 3.52
N ASP B 326 1.14 -13.46 3.22
CA ASP B 326 1.24 -14.56 2.27
C ASP B 326 0.73 -14.13 0.89
N TYR B 327 0.98 -12.85 0.52
CA TYR B 327 0.57 -12.22 -0.75
C TYR B 327 -0.92 -11.92 -0.86
N THR B 328 -1.73 -12.28 0.15
CA THR B 328 -3.17 -12.02 0.13
C THR B 328 -3.56 -10.91 1.10
N GLU B 329 -4.69 -10.28 0.84
CA GLU B 329 -5.18 -9.23 1.74
C GLU B 329 -5.99 -9.81 2.88
N ILE B 330 -5.48 -9.70 4.11
CA ILE B 330 -6.18 -10.21 5.27
C ILE B 330 -6.83 -9.03 6.01
N SER B 331 -8.15 -9.10 6.21
CA SER B 331 -8.86 -8.09 6.97
C SER B 331 -8.82 -8.47 8.44
N PHE B 332 -8.49 -7.50 9.26
CA PHE B 332 -8.49 -7.65 10.70
C PHE B 332 -9.51 -6.68 11.20
N MET B 333 -10.13 -7.02 12.31
CA MET B 333 -11.06 -6.13 12.95
C MET B 333 -10.31 -5.52 14.14
N LEU B 334 -10.26 -4.19 14.19
CA LEU B 334 -9.60 -3.48 15.27
C LEU B 334 -10.64 -2.72 16.11
N TRP B 335 -10.67 -2.98 17.41
CA TRP B 335 -11.61 -2.36 18.34
C TRP B 335 -10.84 -1.57 19.37
N CYS B 336 -11.13 -0.28 19.47
CA CYS B 336 -10.44 0.60 20.40
C CYS B 336 -11.40 1.36 21.31
N LYS B 337 -10.88 1.85 22.45
CA LYS B 337 -11.63 2.64 23.41
C LYS B 337 -10.61 3.50 24.14
N ASP B 338 -10.83 4.83 24.18
CA ASP B 338 -9.96 5.80 24.86
C ASP B 338 -8.49 5.74 24.44
N GLY B 339 -8.22 5.48 23.16
CA GLY B 339 -6.86 5.40 22.66
C GLY B 339 -6.11 4.10 22.93
N HIS B 340 -6.81 3.10 23.44
CA HIS B 340 -6.21 1.81 23.69
C HIS B 340 -6.93 0.71 22.94
N VAL B 341 -6.20 -0.35 22.59
CA VAL B 341 -6.80 -1.50 21.91
C VAL B 341 -7.67 -2.28 22.91
N GLU B 342 -8.83 -2.73 22.46
CA GLU B 342 -9.70 -3.62 23.20
C GLU B 342 -9.48 -5.00 22.57
N THR B 343 -9.62 -5.11 21.23
CA THR B 343 -9.32 -6.34 20.52
C THR B 343 -8.82 -6.05 19.09
N PHE B 344 -8.17 -7.04 18.48
CA PHE B 344 -7.63 -7.00 17.15
C PHE B 344 -7.57 -8.44 16.70
N TYR B 345 -8.32 -8.82 15.67
CA TYR B 345 -8.40 -10.21 15.26
C TYR B 345 -8.57 -10.38 13.77
N PRO B 346 -7.98 -11.44 13.18
CA PRO B 346 -8.20 -11.71 11.74
C PRO B 346 -9.68 -11.98 11.52
N LYS B 347 -10.34 -11.12 10.74
CA LYS B 347 -11.77 -11.11 10.45
C LYS B 347 -12.34 -12.45 10.03
N LEU B 348 -13.50 -12.78 10.62
CA LEU B 348 -14.24 -14.02 10.36
C LEU B 348 -15.48 -13.71 9.48
N GLN B 349 -15.53 -14.34 8.28
CA GLN B 349 -16.63 -14.24 7.31
C GLN B 349 -16.85 -12.78 6.78
C1 CIT C . -19.36 39.92 -1.12
O1 CIT C . -19.58 39.12 -2.13
O2 CIT C . -19.64 41.11 -1.15
C2 CIT C . -18.75 39.29 0.10
C3 CIT C . -18.41 37.78 0.06
O7 CIT C . -17.25 37.57 -0.73
C4 CIT C . -18.05 37.33 1.49
C5 CIT C . -16.91 38.08 2.11
O3 CIT C . -15.90 38.34 1.51
O4 CIT C . -17.14 38.44 3.36
C6 CIT C . -19.55 36.92 -0.47
O5 CIT C . -19.41 36.08 -1.33
O6 CIT C . -20.68 37.10 0.17
C1 CIT D . -14.64 -12.07 17.93
O1 CIT D . -15.73 -11.81 17.44
O2 CIT D . -14.11 -13.26 17.93
C2 CIT D . -13.80 -11.01 18.62
C3 CIT D . -13.33 -11.27 20.06
O7 CIT D . -13.10 -10.00 20.67
C4 CIT D . -14.41 -12.07 20.82
C5 CIT D . -14.04 -12.59 22.17
O3 CIT D . -15.06 -12.85 22.93
O4 CIT D . -12.89 -12.71 22.54
C6 CIT D . -11.98 -11.98 20.01
O5 CIT D . -12.08 -13.21 19.54
O6 CIT D . -10.94 -11.39 20.29
N1 VWG E . 16.26 -21.53 -9.97
C4 VWG E . 17.12 -18.39 -13.68
C5 VWG E . 17.04 -19.37 -14.72
C6 VWG E . 17.01 -18.96 -16.08
C7 VWG E . 16.90 -19.91 -17.08
C8 VWG E . 16.85 -21.26 -16.74
C10 VWG E . 16.96 -20.69 -14.38
O1 VWG E . 15.17 -22.11 -10.64
C1 VWG E . 17.16 -20.64 -10.65
O2 VWG E . 18.06 -20.18 -10.03
C2 VWG E . 17.03 -20.22 -12.10
C3 VWG E . 17.13 -18.86 -12.37
C9 VWG E . 16.87 -21.67 -15.42
N2 VWG E . 16.98 -21.11 -13.08
#